data_3NFI
#
_entry.id   3NFI
#
_cell.length_a   85.110
_cell.length_b   78.100
_cell.length_c   100.670
_cell.angle_alpha   90.00
_cell.angle_beta   113.39
_cell.angle_gamma   90.00
#
_symmetry.space_group_name_H-M   'P 1 21 1'
#
loop_
_entity.id
_entity.type
_entity.pdbx_description
1 polymer 'DNA-directed RNA polymerase I subunit RPA49'
2 non-polymer 2-{2-[2-(2-{2-[2-(2-ETHOXY-ETHOXY)-ETHOXY]-ETHOXY}-ETHOXY)-ETHOXY]-ETHOXY}-ETHANOL
3 water water
#
_entity_poly.entity_id   1
_entity_poly.type   'polypeptide(L)'
_entity_poly.pdbx_seq_one_letter_code
;GSH(MSE)DLPTRAQ(MSE)DEITSNDRPTPLANIDATDVEQIYPIESIIPKKELQFIRVSSILKEADKEKKLELFPYQN
NSKYVAKKLDSLTQPSQ(MSE)TKLQ(MSE)LYYLSLLLGVYENRRVNNKTKLLERLNSPPEILVDGILSRFTVIKPGQF
GRSKDRSYFIDPQNEDKILCYILAII(MSE)HLDNFIVEITPLAHELNLKPSKVVSLFRVLGAIVKGATVAQAEAFGIPK
STAASYKIAT(MSE)KVPFKL
;
_entity_poly.pdbx_strand_id   A,B,C,D,E
#
loop_
_chem_comp.id
_chem_comp.type
_chem_comp.name
_chem_comp.formula
PE4 non-polymer 2-{2-[2-(2-{2-[2-(2-ETHOXY-ETHOXY)-ETHOXY]-ETHOXY}-ETHOXY)-ETHOXY]-ETHOXY}-ETHANOL 'C16 H34 O8'
#
# COMPACT_ATOMS: atom_id res chain seq x y z
N ASP A 19 10.32 -25.59 -6.92
CA ASP A 19 11.79 -25.48 -6.89
C ASP A 19 12.33 -24.38 -7.82
N ARG A 20 13.17 -23.50 -7.27
CA ARG A 20 13.86 -22.38 -7.94
C ARG A 20 15.40 -22.63 -7.89
N PRO A 21 16.31 -21.92 -8.62
CA PRO A 21 17.75 -22.26 -8.51
C PRO A 21 18.44 -21.75 -7.24
N THR A 22 17.83 -20.78 -6.56
CA THR A 22 18.45 -20.22 -5.36
C THR A 22 17.66 -20.57 -4.11
N PRO A 23 18.25 -20.45 -2.89
CA PRO A 23 17.42 -20.53 -1.68
C PRO A 23 16.48 -19.31 -1.69
N LEU A 24 15.37 -19.35 -0.95
CA LEU A 24 14.43 -18.23 -0.89
C LEU A 24 15.05 -16.99 -0.19
N ALA A 25 15.18 -15.89 -0.91
CA ALA A 25 15.77 -14.68 -0.33
C ALA A 25 14.77 -13.91 0.52
N ASN A 26 15.25 -13.28 1.60
CA ASN A 26 14.40 -12.38 2.38
C ASN A 26 14.73 -10.98 1.80
N ILE A 27 13.89 -10.48 0.88
CA ILE A 27 14.09 -9.19 0.20
C ILE A 27 14.12 -8.02 1.20
N ASP A 28 13.47 -8.20 2.37
CA ASP A 28 13.40 -7.17 3.40
C ASP A 28 14.48 -7.26 4.48
N ALA A 29 15.54 -8.08 4.25
CA ALA A 29 16.65 -8.21 5.20
C ALA A 29 17.29 -6.86 5.48
N THR A 30 17.60 -6.61 6.75
CA THR A 30 18.26 -5.36 7.21
C THR A 30 19.75 -5.58 7.48
N ASP A 31 20.17 -6.85 7.39
CA ASP A 31 21.56 -7.25 7.56
CA ASP A 31 21.56 -7.30 7.57
C ASP A 31 21.85 -8.30 6.47
N VAL A 32 23.02 -8.22 5.85
CA VAL A 32 23.40 -9.13 4.77
C VAL A 32 23.24 -10.62 5.12
N GLU A 33 23.51 -11.00 6.41
CA GLU A 33 23.39 -12.39 6.90
CA GLU A 33 23.39 -12.38 6.92
C GLU A 33 21.95 -12.87 6.82
N GLN A 34 20.97 -11.94 6.78
CA GLN A 34 19.57 -12.29 6.71
C GLN A 34 18.99 -12.38 5.29
N ILE A 35 19.77 -12.09 4.22
CA ILE A 35 19.25 -12.20 2.84
C ILE A 35 18.95 -13.69 2.56
N TYR A 36 19.94 -14.56 2.80
CA TYR A 36 19.74 -16.00 2.71
C TYR A 36 20.01 -16.56 4.12
N PRO A 37 19.02 -16.51 5.04
CA PRO A 37 19.26 -17.01 6.40
C PRO A 37 19.48 -18.51 6.40
N ILE A 38 20.11 -19.04 7.46
CA ILE A 38 20.36 -20.49 7.56
C ILE A 38 19.10 -21.33 7.24
N GLU A 39 17.92 -20.91 7.74
CA GLU A 39 16.65 -21.61 7.50
C GLU A 39 16.20 -21.65 6.03
N SER A 40 16.70 -20.74 5.17
CA SER A 40 16.38 -20.77 3.73
CA SER A 40 16.39 -20.78 3.74
C SER A 40 17.30 -21.77 3.03
N ILE A 41 18.52 -21.94 3.56
CA ILE A 41 19.51 -22.86 2.99
C ILE A 41 19.23 -24.29 3.46
N ILE A 42 18.90 -24.47 4.76
CA ILE A 42 18.63 -25.78 5.35
C ILE A 42 17.28 -25.67 6.09
N PRO A 43 16.20 -26.37 5.63
CA PRO A 43 14.91 -26.25 6.34
C PRO A 43 15.03 -26.68 7.80
N LYS A 44 14.37 -25.94 8.70
CA LYS A 44 14.36 -26.11 10.16
C LYS A 44 14.31 -27.57 10.64
N LYS A 45 13.43 -28.37 10.05
CA LYS A 45 13.25 -29.79 10.36
C LYS A 45 14.55 -30.59 10.13
N GLU A 46 15.34 -30.20 9.11
CA GLU A 46 16.61 -30.87 8.76
C GLU A 46 17.76 -30.29 9.55
N LEU A 47 17.74 -28.95 9.78
CA LEU A 47 18.76 -28.20 10.53
C LEU A 47 18.99 -28.72 11.95
N GLN A 48 17.91 -29.14 12.65
CA GLN A 48 17.98 -29.70 14.00
CA GLN A 48 18.02 -29.67 14.01
C GLN A 48 18.86 -30.96 14.06
N PHE A 49 19.14 -31.60 12.90
CA PHE A 49 19.97 -32.81 12.82
C PHE A 49 21.46 -32.49 12.59
N ILE A 50 21.79 -31.21 12.36
CA ILE A 50 23.19 -30.78 12.18
C ILE A 50 23.72 -30.38 13.56
N ARG A 51 24.30 -31.34 14.25
CA ARG A 51 24.87 -31.11 15.60
C ARG A 51 26.38 -30.97 15.47
N VAL A 52 26.87 -29.79 15.82
CA VAL A 52 28.28 -29.42 15.66
C VAL A 52 29.07 -29.17 16.96
N SER A 53 28.43 -29.33 18.13
CA SER A 53 29.08 -29.17 19.44
C SER A 53 30.37 -29.99 19.54
N SER A 54 30.34 -31.25 19.08
CA SER A 54 31.48 -32.17 19.06
C SER A 54 32.66 -31.61 18.24
N ILE A 55 32.37 -30.91 17.13
CA ILE A 55 33.41 -30.29 16.29
C ILE A 55 34.11 -29.17 17.08
N LEU A 56 33.33 -28.31 17.76
CA LEU A 56 33.85 -27.22 18.59
C LEU A 56 34.70 -27.75 19.76
N LYS A 57 34.23 -28.80 20.42
CA LYS A 57 34.91 -29.42 21.56
C LYS A 57 36.21 -30.15 21.18
N GLU A 58 36.32 -30.61 19.93
CA GLU A 58 37.51 -31.34 19.46
C GLU A 58 38.67 -30.37 19.19
N ALA A 59 39.81 -30.56 19.87
CA ALA A 59 40.98 -29.69 19.74
C ALA A 59 41.93 -30.07 18.60
N ASP A 60 42.07 -31.38 18.29
CA ASP A 60 42.93 -31.87 17.21
C ASP A 60 42.27 -31.59 15.85
N LYS A 61 42.97 -30.82 14.98
CA LYS A 61 42.50 -30.41 13.65
C LYS A 61 42.10 -31.59 12.77
N GLU A 62 42.97 -32.62 12.72
CA GLU A 62 42.70 -33.83 11.94
C GLU A 62 41.42 -34.55 12.42
N LYS A 63 41.21 -34.66 13.75
CA LYS A 63 40.03 -35.31 14.33
C LYS A 63 38.75 -34.50 14.09
N LYS A 64 38.85 -33.17 14.22
CA LYS A 64 37.77 -32.22 13.96
C LYS A 64 37.25 -32.44 12.52
N LEU A 65 38.18 -32.59 11.54
CA LEU A 65 37.86 -32.78 10.13
C LEU A 65 37.13 -34.09 9.85
N GLU A 66 37.49 -35.13 10.61
CA GLU A 66 36.92 -36.48 10.50
C GLU A 66 35.45 -36.57 10.90
N LEU A 67 34.99 -35.54 11.64
CA LEU A 67 33.58 -35.45 12.08
C LEU A 67 32.66 -34.96 10.96
N PHE A 68 33.23 -34.43 9.87
CA PHE A 68 32.46 -33.90 8.72
C PHE A 68 31.81 -35.01 7.85
N PRO A 69 30.71 -34.68 7.11
CA PRO A 69 30.01 -35.72 6.33
C PRO A 69 30.67 -36.18 5.02
N TYR A 70 31.72 -35.49 4.57
CA TYR A 70 32.42 -35.82 3.34
C TYR A 70 33.90 -35.48 3.53
N GLN A 71 34.78 -36.28 2.97
CA GLN A 71 36.21 -35.98 2.98
C GLN A 71 36.74 -36.25 1.60
N ASN A 72 37.63 -35.38 1.13
CA ASN A 72 38.24 -35.55 -0.18
C ASN A 72 39.69 -35.06 -0.13
N ASN A 73 40.26 -34.69 -1.29
CA ASN A 73 41.65 -34.25 -1.35
C ASN A 73 41.79 -32.73 -1.29
N SER A 74 40.67 -32.02 -1.08
CA SER A 74 40.64 -30.56 -0.99
C SER A 74 40.92 -30.08 0.45
N LYS A 75 41.52 -28.88 0.56
CA LYS A 75 41.86 -28.22 1.83
C LYS A 75 40.86 -27.09 2.14
N TYR A 76 39.87 -26.94 1.27
CA TYR A 76 38.87 -25.87 1.36
C TYR A 76 38.07 -25.82 2.66
N VAL A 77 37.36 -26.90 3.00
CA VAL A 77 36.61 -26.99 4.27
C VAL A 77 37.58 -26.83 5.46
N ALA A 78 38.80 -27.42 5.36
CA ALA A 78 39.81 -27.34 6.42
C ALA A 78 40.24 -25.90 6.67
N LYS A 79 40.34 -25.08 5.62
CA LYS A 79 40.72 -23.67 5.76
C LYS A 79 39.64 -22.88 6.55
N LYS A 80 38.34 -23.06 6.17
CA LYS A 80 37.19 -22.38 6.79
C LYS A 80 37.01 -22.82 8.24
N LEU A 81 37.34 -24.08 8.55
CA LEU A 81 37.21 -24.66 9.88
C LEU A 81 38.08 -24.02 10.97
N ASP A 82 39.35 -23.64 10.65
CA ASP A 82 40.32 -23.07 11.58
C ASP A 82 39.82 -21.88 12.39
N SER A 83 38.97 -21.04 11.78
CA SER A 83 38.45 -19.84 12.39
C SER A 83 37.16 -20.02 13.19
N LEU A 84 36.60 -21.25 13.20
CA LEU A 84 35.34 -21.56 13.88
C LEU A 84 35.59 -22.40 15.11
N THR A 85 35.85 -21.69 16.21
CA THR A 85 36.19 -22.29 17.50
C THR A 85 35.29 -21.90 18.65
N GLN A 86 34.49 -20.83 18.51
CA GLN A 86 33.63 -20.37 19.61
C GLN A 86 32.15 -20.69 19.41
N PRO A 87 31.37 -20.87 20.51
CA PRO A 87 29.93 -21.19 20.37
C PRO A 87 29.11 -20.16 19.60
N SER A 88 29.54 -18.87 19.55
CA SER A 88 28.84 -17.84 18.79
C SER A 88 28.89 -18.13 17.26
N GLN A 89 29.81 -19.01 16.85
CA GLN A 89 30.03 -19.39 15.46
C GLN A 89 29.30 -20.71 15.08
N MSE A 90 28.38 -21.19 15.95
CA MSE A 90 27.64 -22.45 15.76
C MSE A 90 26.88 -22.51 14.40
O MSE A 90 26.97 -23.51 13.69
CB MSE A 90 26.67 -22.72 16.93
CG MSE A 90 26.11 -24.14 16.93
SE MSE A 90 27.36 -25.44 17.71
CE MSE A 90 26.86 -25.24 19.58
N THR A 91 26.17 -21.41 14.07
CA THR A 91 25.40 -21.29 12.83
C THR A 91 26.31 -21.46 11.63
N LYS A 92 27.47 -20.75 11.62
CA LYS A 92 28.44 -20.84 10.52
C LYS A 92 28.99 -22.27 10.41
N LEU A 93 29.21 -22.92 11.56
CA LEU A 93 29.74 -24.29 11.58
C LEU A 93 28.69 -25.28 11.03
N GLN A 94 27.40 -25.04 11.34
CA GLN A 94 26.30 -25.87 10.80
C GLN A 94 26.28 -25.75 9.28
N MSE A 95 26.48 -24.52 8.78
CA MSE A 95 26.56 -24.22 7.35
C MSE A 95 27.74 -24.84 6.70
O MSE A 95 27.58 -25.38 5.62
CB MSE A 95 26.46 -22.72 7.07
CG MSE A 95 25.04 -22.27 7.22
SE MSE A 95 24.67 -20.43 6.85
CE MSE A 95 25.84 -19.56 8.16
N LEU A 96 28.91 -24.83 7.37
CA LEU A 96 30.12 -25.49 6.85
C LEU A 96 29.91 -27.00 6.77
N TYR A 97 29.24 -27.59 7.77
CA TYR A 97 28.92 -29.02 7.80
C TYR A 97 28.05 -29.34 6.56
N TYR A 98 27.01 -28.53 6.32
CA TYR A 98 26.12 -28.72 5.18
C TYR A 98 26.82 -28.49 3.85
N LEU A 99 27.75 -27.51 3.78
CA LEU A 99 28.54 -27.25 2.57
C LEU A 99 29.36 -28.51 2.22
N SER A 100 29.99 -29.14 3.23
CA SER A 100 30.78 -30.37 3.07
C SER A 100 29.90 -31.44 2.40
N LEU A 101 28.67 -31.63 2.92
CA LEU A 101 27.72 -32.58 2.38
C LEU A 101 27.32 -32.24 0.92
N LEU A 102 27.02 -30.94 0.63
CA LEU A 102 26.65 -30.53 -0.74
C LEU A 102 27.79 -30.76 -1.70
N LEU A 103 29.04 -30.48 -1.26
CA LEU A 103 30.23 -30.72 -2.05
C LEU A 103 30.36 -32.22 -2.32
N GLY A 104 30.10 -33.06 -1.31
CA GLY A 104 30.13 -34.52 -1.46
C GLY A 104 29.14 -35.00 -2.50
N VAL A 105 27.93 -34.43 -2.50
CA VAL A 105 26.89 -34.79 -3.47
C VAL A 105 27.31 -34.30 -4.85
N TYR A 106 27.79 -33.04 -4.95
CA TYR A 106 28.23 -32.45 -6.22
C TYR A 106 29.37 -33.24 -6.86
N GLU A 107 30.43 -33.58 -6.11
CA GLU A 107 31.57 -34.33 -6.65
C GLU A 107 31.19 -35.76 -7.03
N ASN A 108 30.15 -36.30 -6.39
CA ASN A 108 29.63 -37.64 -6.67
C ASN A 108 28.30 -37.57 -7.42
N ARG A 109 28.11 -36.53 -8.24
CA ARG A 109 26.86 -36.30 -9.00
C ARG A 109 26.52 -37.38 -10.03
N ARG A 110 27.49 -38.24 -10.42
CA ARG A 110 27.22 -39.31 -11.38
C ARG A 110 26.53 -40.51 -10.71
N VAL A 111 26.59 -40.58 -9.36
CA VAL A 111 25.93 -41.65 -8.59
C VAL A 111 24.41 -41.43 -8.80
N ASN A 112 23.67 -42.52 -9.07
CA ASN A 112 22.23 -42.43 -9.36
C ASN A 112 21.27 -43.12 -8.36
N ASN A 113 21.77 -43.47 -7.16
CA ASN A 113 20.87 -44.02 -6.13
C ASN A 113 21.35 -43.69 -4.71
N LYS A 114 20.40 -43.56 -3.78
CA LYS A 114 20.64 -43.23 -2.37
C LYS A 114 21.64 -44.15 -1.67
N THR A 115 21.46 -45.49 -1.78
N THR A 115 21.45 -45.49 -1.79
CA THR A 115 22.36 -46.46 -1.13
CA THR A 115 22.33 -46.47 -1.16
C THR A 115 23.77 -46.30 -1.65
C THR A 115 23.77 -46.25 -1.64
N LYS A 116 23.93 -46.12 -2.97
CA LYS A 116 25.24 -45.90 -3.60
C LYS A 116 25.85 -44.55 -3.20
N LEU A 117 25.02 -43.51 -3.01
CA LEU A 117 25.48 -42.18 -2.57
C LEU A 117 26.03 -42.23 -1.14
N LEU A 118 25.30 -42.88 -0.22
CA LEU A 118 25.72 -43.03 1.19
C LEU A 118 27.08 -43.72 1.32
N GLU A 119 27.38 -44.66 0.42
CA GLU A 119 28.68 -45.35 0.38
C GLU A 119 29.84 -44.36 0.11
N ARG A 120 29.57 -43.19 -0.51
CA ARG A 120 30.63 -42.21 -0.81
C ARG A 120 30.78 -41.16 0.29
N LEU A 121 29.81 -41.12 1.20
CA LEU A 121 29.79 -40.12 2.27
C LEU A 121 30.20 -40.71 3.63
N ASN A 122 30.43 -39.84 4.63
CA ASN A 122 30.88 -40.22 5.96
C ASN A 122 29.72 -40.17 6.99
N SER A 123 28.72 -41.03 6.78
CA SER A 123 27.54 -41.19 7.65
C SER A 123 26.82 -39.89 8.02
N PRO A 124 26.41 -39.03 7.06
CA PRO A 124 25.64 -37.84 7.45
C PRO A 124 24.25 -38.29 7.92
N PRO A 125 23.55 -37.52 8.76
CA PRO A 125 22.18 -37.93 9.12
C PRO A 125 21.37 -38.15 7.85
N GLU A 126 20.76 -39.32 7.72
CA GLU A 126 19.98 -39.71 6.54
C GLU A 126 18.95 -38.67 6.06
N ILE A 127 18.30 -37.96 7.00
CA ILE A 127 17.30 -36.93 6.69
C ILE A 127 17.88 -35.82 5.78
N LEU A 128 19.17 -35.49 5.97
CA LEU A 128 19.86 -34.47 5.16
C LEU A 128 20.00 -34.97 3.73
N VAL A 129 20.38 -36.26 3.55
CA VAL A 129 20.52 -36.84 2.20
C VAL A 129 19.14 -36.91 1.52
N ASP A 130 18.10 -37.33 2.27
CA ASP A 130 16.72 -37.39 1.73
C ASP A 130 16.25 -36.01 1.24
N GLY A 131 16.53 -34.98 2.02
CA GLY A 131 16.19 -33.60 1.67
C GLY A 131 16.87 -33.14 0.40
N ILE A 132 18.17 -33.48 0.24
CA ILE A 132 18.96 -33.16 -0.95
C ILE A 132 18.43 -33.87 -2.21
N LEU A 133 18.12 -35.17 -2.09
CA LEU A 133 17.56 -35.92 -3.23
C LEU A 133 16.20 -35.38 -3.65
N SER A 134 15.36 -35.01 -2.67
CA SER A 134 14.03 -34.44 -2.93
CA SER A 134 14.03 -34.43 -2.93
C SER A 134 14.09 -33.08 -3.62
N ARG A 135 15.06 -32.24 -3.25
CA ARG A 135 15.14 -30.87 -3.77
C ARG A 135 16.20 -30.50 -4.80
N PHE A 136 17.23 -31.33 -4.98
CA PHE A 136 18.33 -31.03 -5.90
C PHE A 136 18.56 -32.08 -6.99
N THR A 137 17.61 -32.98 -7.19
CA THR A 137 17.79 -34.03 -8.20
C THR A 137 16.49 -34.24 -9.01
N VAL A 138 16.61 -34.97 -10.12
CA VAL A 138 15.44 -35.38 -10.90
C VAL A 138 15.22 -36.81 -10.44
N ILE A 139 14.19 -37.01 -9.62
CA ILE A 139 13.89 -38.34 -9.10
C ILE A 139 13.48 -39.23 -10.29
N LYS A 140 13.95 -40.48 -10.33
CA LYS A 140 13.50 -41.43 -11.35
C LYS A 140 12.17 -42.00 -10.82
N PRO A 141 11.01 -41.55 -11.33
CA PRO A 141 9.75 -42.04 -10.73
C PRO A 141 9.40 -43.44 -11.12
N GLY A 142 8.63 -44.08 -10.26
CA GLY A 142 8.13 -45.43 -10.47
C GLY A 142 7.96 -46.16 -9.17
N GLN A 143 6.79 -46.78 -9.00
CA GLN A 143 6.40 -47.54 -7.81
C GLN A 143 7.22 -48.83 -7.62
N PHE A 144 7.60 -49.51 -8.73
CA PHE A 144 8.46 -50.70 -8.63
C PHE A 144 9.87 -50.31 -8.09
N GLY A 145 10.51 -49.31 -8.71
CA GLY A 145 11.81 -48.80 -8.29
C GLY A 145 11.85 -48.24 -6.88
N ARG A 146 10.81 -47.48 -6.50
CA ARG A 146 10.63 -46.88 -5.16
C ARG A 146 10.64 -47.92 -4.04
N SER A 147 10.20 -49.15 -4.35
CA SER A 147 10.19 -50.26 -3.40
C SER A 147 11.63 -50.80 -3.16
N LYS A 148 12.53 -50.59 -4.14
CA LYS A 148 13.92 -51.06 -4.05
C LYS A 148 14.82 -50.01 -3.40
N ASP A 149 14.74 -48.74 -3.84
CA ASP A 149 15.55 -47.62 -3.33
C ASP A 149 15.14 -46.30 -4.00
N ARG A 150 15.74 -45.19 -3.57
CA ARG A 150 15.46 -43.89 -4.14
C ARG A 150 16.46 -43.68 -5.27
N SER A 151 15.97 -43.68 -6.53
CA SER A 151 16.78 -43.48 -7.74
C SER A 151 16.54 -42.09 -8.29
N TYR A 152 17.60 -41.51 -8.90
CA TYR A 152 17.61 -40.13 -9.39
C TYR A 152 18.79 -39.85 -10.29
N PHE A 153 18.86 -38.66 -10.88
CA PHE A 153 20.04 -38.19 -11.60
C PHE A 153 20.12 -36.67 -11.42
N ILE A 154 21.31 -36.08 -11.59
CA ILE A 154 21.52 -34.65 -11.39
C ILE A 154 21.75 -34.03 -12.77
N ASP A 155 20.78 -33.25 -13.26
CA ASP A 155 20.84 -32.61 -14.58
C ASP A 155 21.52 -31.22 -14.47
N PRO A 156 21.81 -30.49 -15.59
CA PRO A 156 22.47 -29.18 -15.45
C PRO A 156 21.75 -28.16 -14.57
N GLN A 157 20.40 -28.12 -14.58
CA GLN A 157 19.65 -27.20 -13.73
C GLN A 157 19.86 -27.52 -12.25
N ASN A 158 19.89 -28.82 -11.91
CA ASN A 158 20.15 -29.28 -10.54
C ASN A 158 21.57 -28.95 -10.12
N GLU A 159 22.56 -29.06 -11.07
CA GLU A 159 23.94 -28.73 -10.78
C GLU A 159 24.01 -27.24 -10.37
N ASP A 160 23.30 -26.35 -11.10
CA ASP A 160 23.25 -24.91 -10.79
C ASP A 160 22.63 -24.65 -9.41
N LYS A 161 21.55 -25.39 -9.07
CA LYS A 161 20.89 -25.25 -7.78
C LYS A 161 21.83 -25.62 -6.62
N ILE A 162 22.51 -26.81 -6.70
CA ILE A 162 23.48 -27.25 -5.67
C ILE A 162 24.55 -26.16 -5.53
N LEU A 163 25.11 -25.70 -6.69
CA LEU A 163 26.14 -24.66 -6.70
C LEU A 163 25.67 -23.33 -6.08
N CYS A 164 24.41 -22.89 -6.34
CA CYS A 164 23.88 -21.66 -5.73
C CYS A 164 23.77 -21.78 -4.21
N TYR A 165 23.36 -22.96 -3.69
CA TYR A 165 23.28 -23.18 -2.23
C TYR A 165 24.68 -23.19 -1.64
N ILE A 166 25.67 -23.80 -2.35
CA ILE A 166 27.06 -23.80 -1.93
C ILE A 166 27.60 -22.35 -1.86
N LEU A 167 27.35 -21.55 -2.92
CA LEU A 167 27.81 -20.16 -2.98
C LEU A 167 27.16 -19.29 -1.91
N ALA A 168 25.86 -19.53 -1.60
CA ALA A 168 25.14 -18.82 -0.53
C ALA A 168 25.85 -19.07 0.84
N ILE A 169 26.24 -20.34 1.12
CA ILE A 169 26.98 -20.66 2.34
C ILE A 169 28.36 -20.00 2.33
N ILE A 170 29.08 -20.04 1.18
CA ILE A 170 30.42 -19.42 1.06
C ILE A 170 30.37 -17.93 1.41
N MSE A 171 29.28 -17.25 0.98
CA MSE A 171 29.08 -15.83 1.28
CA MSE A 171 29.08 -15.83 1.28
C MSE A 171 29.02 -15.63 2.80
O MSE A 171 29.63 -14.68 3.31
CB MSE A 171 27.82 -15.31 0.60
CB MSE A 171 27.83 -15.29 0.60
CG MSE A 171 28.07 -14.91 -0.82
CG MSE A 171 28.03 -15.09 -0.88
SE MSE A 171 28.81 -13.10 -0.79
SE MSE A 171 26.78 -13.89 -1.73
CE MSE A 171 28.61 -12.72 -2.64
CE MSE A 171 28.25 -12.78 -2.63
N HIS A 172 28.33 -16.51 3.52
CA HIS A 172 28.25 -16.40 4.97
C HIS A 172 29.67 -16.59 5.56
N LEU A 173 30.37 -17.62 5.11
CA LEU A 173 31.68 -17.99 5.65
C LEU A 173 32.79 -17.00 5.32
N ASP A 174 32.68 -16.28 4.18
CA ASP A 174 33.69 -15.30 3.76
C ASP A 174 33.29 -13.87 4.10
N ASN A 175 32.29 -13.72 5.01
CA ASN A 175 31.79 -12.40 5.42
CA ASN A 175 31.77 -12.41 5.42
C ASN A 175 31.34 -11.52 4.25
N PHE A 176 30.66 -12.15 3.27
CA PHE A 176 30.05 -11.52 2.10
C PHE A 176 30.97 -10.81 1.13
N ILE A 177 32.24 -11.21 1.10
CA ILE A 177 33.23 -10.69 0.16
C ILE A 177 33.95 -11.94 -0.36
N VAL A 178 33.64 -12.36 -1.59
CA VAL A 178 34.19 -13.59 -2.17
C VAL A 178 35.05 -13.31 -3.41
N GLU A 179 36.28 -13.84 -3.42
CA GLU A 179 37.17 -13.74 -4.60
C GLU A 179 36.71 -14.81 -5.58
N ILE A 180 36.41 -14.42 -6.83
CA ILE A 180 35.92 -15.33 -7.88
C ILE A 180 36.94 -16.40 -8.29
N THR A 181 38.11 -15.95 -8.76
CA THR A 181 39.20 -16.80 -9.28
C THR A 181 39.56 -17.99 -8.40
N PRO A 182 39.99 -17.82 -7.13
CA PRO A 182 40.33 -19.00 -6.30
C PRO A 182 39.15 -19.95 -6.13
N LEU A 183 37.90 -19.41 -6.03
CA LEU A 183 36.71 -20.23 -5.89
C LEU A 183 36.43 -21.07 -7.12
N ALA A 184 36.52 -20.46 -8.31
CA ALA A 184 36.33 -21.18 -9.56
C ALA A 184 37.31 -22.37 -9.62
N HIS A 185 38.63 -22.16 -9.28
CA HIS A 185 39.64 -23.23 -9.28
CA HIS A 185 39.64 -23.23 -9.29
C HIS A 185 39.23 -24.37 -8.34
N GLU A 186 38.74 -24.02 -7.14
CA GLU A 186 38.29 -24.98 -6.15
C GLU A 186 37.14 -25.89 -6.65
N LEU A 187 36.10 -25.29 -7.25
CA LEU A 187 34.91 -26.01 -7.73
C LEU A 187 35.07 -26.61 -9.13
N ASN A 188 36.22 -26.34 -9.78
CA ASN A 188 36.55 -26.78 -11.14
C ASN A 188 35.55 -26.21 -12.15
N LEU A 189 35.27 -24.90 -12.02
CA LEU A 189 34.36 -24.16 -12.87
C LEU A 189 35.08 -23.02 -13.55
N LYS A 190 34.59 -22.60 -14.71
CA LYS A 190 35.15 -21.43 -15.39
C LYS A 190 34.79 -20.22 -14.53
N PRO A 191 35.68 -19.23 -14.35
CA PRO A 191 35.34 -18.04 -13.56
C PRO A 191 34.01 -17.38 -13.99
N SER A 192 33.72 -17.39 -15.32
CA SER A 192 32.47 -16.83 -15.89
C SER A 192 31.23 -17.55 -15.34
N LYS A 193 31.36 -18.85 -15.05
CA LYS A 193 30.27 -19.64 -14.49
C LYS A 193 30.03 -19.23 -13.03
N VAL A 194 31.10 -19.05 -12.24
CA VAL A 194 30.98 -18.62 -10.84
C VAL A 194 30.33 -17.21 -10.81
N VAL A 195 30.77 -16.30 -11.71
CA VAL A 195 30.21 -14.94 -11.85
C VAL A 195 28.69 -15.03 -12.13
N SER A 196 28.31 -15.86 -13.12
CA SER A 196 26.92 -16.07 -13.53
C SER A 196 26.05 -16.55 -12.35
N LEU A 197 26.53 -17.54 -11.58
CA LEU A 197 25.79 -18.09 -10.44
C LEU A 197 25.65 -17.07 -9.33
N PHE A 198 26.71 -16.28 -9.07
CA PHE A 198 26.59 -15.23 -8.06
C PHE A 198 25.54 -14.18 -8.45
N ARG A 199 25.44 -13.89 -9.76
CA ARG A 199 24.44 -12.95 -10.25
C ARG A 199 23.03 -13.53 -10.18
N VAL A 200 22.88 -14.85 -10.34
CA VAL A 200 21.59 -15.55 -10.17
C VAL A 200 21.15 -15.37 -8.69
N LEU A 201 22.12 -15.40 -7.75
CA LEU A 201 21.86 -15.18 -6.32
C LEU A 201 21.57 -13.68 -5.98
N GLY A 202 21.79 -12.77 -6.92
CA GLY A 202 21.59 -11.35 -6.65
C GLY A 202 22.78 -10.68 -5.98
N ALA A 203 23.94 -11.35 -5.99
CA ALA A 203 25.18 -10.79 -5.48
C ALA A 203 25.69 -9.80 -6.54
N ILE A 204 26.49 -8.83 -6.11
CA ILE A 204 27.10 -7.84 -6.98
C ILE A 204 28.48 -8.37 -7.33
N VAL A 205 28.76 -8.51 -8.63
CA VAL A 205 30.08 -8.97 -9.11
C VAL A 205 30.69 -7.88 -9.94
N LYS A 206 31.85 -7.41 -9.50
CA LYS A 206 32.59 -6.34 -10.18
C LYS A 206 34.01 -6.40 -9.73
N GLY A 207 34.80 -5.50 -10.28
CA GLY A 207 36.20 -5.40 -9.97
C GLY A 207 36.44 -5.02 -8.52
N ALA A 208 37.56 -5.55 -7.96
CA ALA A 208 37.92 -5.29 -6.58
C ALA A 208 38.16 -3.79 -6.37
N THR A 209 37.77 -3.26 -5.20
CA THR A 209 38.05 -1.89 -4.82
C THR A 209 39.51 -1.89 -4.34
N VAL A 210 40.12 -0.70 -4.17
CA VAL A 210 41.51 -0.56 -3.69
C VAL A 210 41.74 -1.30 -2.37
N ALA A 211 40.83 -1.10 -1.40
CA ALA A 211 40.86 -1.73 -0.08
C ALA A 211 40.79 -3.26 -0.18
N GLN A 212 39.90 -3.77 -1.06
CA GLN A 212 39.74 -5.21 -1.29
C GLN A 212 41.01 -5.82 -1.89
N ALA A 213 41.61 -5.15 -2.87
CA ALA A 213 42.84 -5.59 -3.51
C ALA A 213 43.97 -5.76 -2.46
N GLU A 214 44.10 -4.76 -1.56
CA GLU A 214 45.08 -4.73 -0.46
C GLU A 214 44.86 -5.93 0.46
N ALA A 215 43.60 -6.22 0.83
CA ALA A 215 43.25 -7.32 1.71
C ALA A 215 43.50 -8.68 1.08
N PHE A 216 43.24 -8.83 -0.24
CA PHE A 216 43.41 -10.12 -0.93
C PHE A 216 44.82 -10.37 -1.43
N GLY A 217 45.66 -9.35 -1.36
CA GLY A 217 47.06 -9.46 -1.77
C GLY A 217 47.23 -9.58 -3.27
N ILE A 218 46.54 -8.73 -4.03
CA ILE A 218 46.61 -8.70 -5.49
C ILE A 218 47.13 -7.31 -5.93
N PRO A 219 47.88 -7.19 -7.06
CA PRO A 219 48.38 -5.87 -7.49
C PRO A 219 47.28 -4.83 -7.64
N LYS A 220 47.50 -3.61 -7.08
CA LYS A 220 46.56 -2.48 -7.12
C LYS A 220 46.09 -2.12 -8.54
N SER A 221 46.98 -2.26 -9.54
CA SER A 221 46.71 -1.95 -10.95
C SER A 221 45.78 -2.96 -11.58
N THR A 222 45.81 -4.21 -11.10
CA THR A 222 44.96 -5.31 -11.59
C THR A 222 43.62 -5.43 -10.80
N ALA A 223 43.37 -4.56 -9.80
CA ALA A 223 42.14 -4.59 -8.96
C ALA A 223 40.84 -4.60 -9.75
N ALA A 224 40.69 -3.70 -10.73
CA ALA A 224 39.49 -3.61 -11.56
C ALA A 224 39.22 -4.87 -12.39
N SER A 225 40.26 -5.63 -12.75
CA SER A 225 40.10 -6.88 -13.50
C SER A 225 39.92 -8.11 -12.59
N TYR A 226 40.17 -7.95 -11.26
CA TYR A 226 40.03 -9.07 -10.31
C TYR A 226 38.60 -9.05 -9.75
N LYS A 227 37.76 -9.96 -10.24
CA LYS A 227 36.34 -10.02 -9.88
C LYS A 227 36.10 -10.49 -8.46
N ILE A 228 35.24 -9.72 -7.74
CA ILE A 228 34.82 -9.98 -6.36
C ILE A 228 33.29 -10.02 -6.29
N ALA A 229 32.75 -10.99 -5.57
CA ALA A 229 31.32 -11.06 -5.36
C ALA A 229 31.00 -10.55 -3.97
N THR A 230 30.03 -9.63 -3.88
CA THR A 230 29.60 -9.04 -2.63
C THR A 230 28.09 -9.05 -2.54
N MSE A 231 27.57 -8.96 -1.32
CA MSE A 231 26.15 -8.82 -1.04
C MSE A 231 26.02 -7.67 -0.10
O MSE A 231 26.86 -7.50 0.79
CB MSE A 231 25.52 -10.07 -0.45
CG MSE A 231 25.48 -11.22 -1.43
SE MSE A 231 24.19 -12.53 -0.86
CE MSE A 231 22.75 -11.70 -1.78
N LYS A 232 25.02 -6.85 -0.33
CA LYS A 232 24.76 -5.66 0.45
C LYS A 232 23.27 -5.49 0.65
N VAL A 233 22.90 -4.90 1.78
CA VAL A 233 21.51 -4.54 2.09
C VAL A 233 21.35 -3.03 1.77
N PRO A 234 20.24 -2.57 1.15
CA PRO A 234 19.04 -3.35 0.73
C PRO A 234 19.34 -4.23 -0.48
N PHE A 235 18.77 -5.44 -0.46
CA PHE A 235 18.95 -6.41 -1.55
C PHE A 235 18.25 -5.88 -2.80
N LYS A 236 18.75 -6.29 -3.99
CA LYS A 236 18.13 -5.87 -5.25
C LYS A 236 16.66 -6.33 -5.31
N LEU A 237 15.82 -5.59 -6.04
CA LEU A 237 14.41 -5.93 -6.23
C LEU A 237 14.16 -6.55 -7.61
N LEU B 6 9.89 36.06 -19.13
CA LEU B 6 10.11 34.90 -19.96
C LEU B 6 11.25 33.94 -19.51
N PRO B 7 12.48 34.40 -19.13
CA PRO B 7 13.52 33.41 -18.73
C PRO B 7 13.25 32.68 -17.41
N THR B 8 12.40 33.23 -16.54
CA THR B 8 12.01 32.61 -15.26
C THR B 8 11.10 31.42 -15.53
N ARG B 9 10.25 31.50 -16.58
CA ARG B 9 9.33 30.45 -17.02
C ARG B 9 10.12 29.18 -17.37
N ALA B 10 11.30 29.34 -18.01
CA ALA B 10 12.24 28.27 -18.37
C ALA B 10 12.78 27.56 -17.12
N GLN B 11 13.02 28.33 -16.03
CA GLN B 11 13.51 27.80 -14.76
C GLN B 11 12.42 27.03 -14.00
N MSE B 12 11.15 27.49 -14.07
CA MSE B 12 10.01 26.82 -13.42
C MSE B 12 9.72 25.50 -14.14
O MSE B 12 9.35 24.51 -13.50
CB MSE B 12 8.76 27.71 -13.39
CG MSE B 12 7.88 27.45 -12.16
SE MSE B 12 6.07 28.19 -12.22
CE MSE B 12 6.49 30.12 -12.32
N ASP B 13 9.94 25.49 -15.46
CA ASP B 13 9.76 24.35 -16.35
C ASP B 13 10.78 23.24 -16.05
N GLU B 14 11.97 23.61 -15.52
CA GLU B 14 13.06 22.69 -15.16
C GLU B 14 12.64 21.73 -14.04
N ILE B 15 11.91 22.23 -13.01
CA ILE B 15 11.41 21.40 -11.91
C ILE B 15 10.20 20.57 -12.35
N THR B 16 9.20 21.21 -13.01
CA THR B 16 7.98 20.54 -13.49
C THR B 16 8.32 19.34 -14.38
N SER B 17 9.39 19.46 -15.21
CA SER B 17 9.90 18.40 -16.09
C SER B 17 10.43 17.23 -15.25
N ASN B 18 11.04 17.53 -14.07
CA ASN B 18 11.53 16.51 -13.13
C ASN B 18 10.40 15.83 -12.34
N ASP B 19 9.19 16.43 -12.35
CA ASP B 19 7.96 15.91 -11.74
C ASP B 19 7.11 15.21 -12.80
N ARG B 20 7.26 15.61 -14.10
CA ARG B 20 6.55 15.03 -15.25
C ARG B 20 6.98 13.58 -15.38
N PRO B 21 6.05 12.64 -15.58
CA PRO B 21 6.47 11.23 -15.61
C PRO B 21 7.17 10.80 -16.88
N THR B 22 6.96 11.49 -17.99
CA THR B 22 7.58 11.05 -19.22
C THR B 22 8.72 11.97 -19.64
N PRO B 23 9.60 11.56 -20.57
CA PRO B 23 10.52 12.54 -21.17
C PRO B 23 9.65 13.55 -21.95
N LEU B 24 10.16 14.73 -22.22
CA LEU B 24 9.41 15.76 -22.93
C LEU B 24 9.17 15.34 -24.39
N ALA B 25 7.90 15.13 -24.75
CA ALA B 25 7.53 14.75 -26.09
C ALA B 25 7.59 15.94 -27.02
N ASN B 26 7.97 15.70 -28.29
CA ASN B 26 7.89 16.72 -29.32
C ASN B 26 6.52 16.43 -29.97
N ILE B 27 5.49 17.21 -29.60
CA ILE B 27 4.12 17.03 -30.13
C ILE B 27 4.04 17.26 -31.64
N ASP B 28 5.01 17.98 -32.18
CA ASP B 28 5.06 18.29 -33.61
C ASP B 28 5.94 17.34 -34.43
N ALA B 29 6.32 16.18 -33.84
CA ALA B 29 7.13 15.20 -34.56
C ALA B 29 6.41 14.74 -35.84
N THR B 30 7.16 14.59 -36.92
CA THR B 30 6.61 14.14 -38.21
C THR B 30 7.10 12.70 -38.49
N ASP B 31 7.96 12.16 -37.60
CA ASP B 31 8.47 10.78 -37.60
C ASP B 31 8.37 10.28 -36.18
N VAL B 32 7.99 9.00 -36.00
CA VAL B 32 7.85 8.38 -34.66
C VAL B 32 9.11 8.50 -33.79
N GLU B 33 10.29 8.42 -34.44
CA GLU B 33 11.62 8.50 -33.80
C GLU B 33 11.86 9.87 -33.18
N GLN B 34 11.11 10.90 -33.65
CA GLN B 34 11.23 12.24 -33.10
C GLN B 34 10.25 12.60 -31.98
N ILE B 35 9.32 11.70 -31.61
CA ILE B 35 8.36 11.99 -30.54
C ILE B 35 9.16 12.15 -29.23
N TYR B 36 10.01 11.17 -28.91
CA TYR B 36 10.89 11.25 -27.75
C TYR B 36 12.31 11.17 -28.29
N PRO B 37 12.88 12.29 -28.77
CA PRO B 37 14.25 12.22 -29.33
C PRO B 37 15.26 11.88 -28.24
N ILE B 38 16.43 11.34 -28.62
CA ILE B 38 17.48 10.96 -27.66
C ILE B 38 17.76 12.08 -26.64
N GLU B 39 17.80 13.35 -27.10
CA GLU B 39 18.03 14.52 -26.25
C GLU B 39 16.99 14.74 -25.15
N SER B 40 15.75 14.24 -25.34
CA SER B 40 14.70 14.31 -24.32
CA SER B 40 14.70 14.32 -24.31
C SER B 40 14.91 13.23 -23.27
N ILE B 41 15.50 12.10 -23.65
CA ILE B 41 15.74 10.96 -22.75
C ILE B 41 17.06 11.16 -21.97
N ILE B 42 18.13 11.61 -22.69
CA ILE B 42 19.45 11.85 -22.12
C ILE B 42 19.91 13.25 -22.56
N PRO B 43 20.06 14.22 -21.63
CA PRO B 43 20.54 15.56 -22.03
C PRO B 43 21.88 15.47 -22.77
N LYS B 44 22.04 16.29 -23.84
CA LYS B 44 23.24 16.36 -24.68
C LYS B 44 24.55 16.40 -23.90
N LYS B 45 24.57 17.18 -22.78
CA LYS B 45 25.73 17.35 -21.90
C LYS B 45 26.16 16.01 -21.27
N GLU B 46 25.18 15.16 -20.95
CA GLU B 46 25.46 13.86 -20.34
C GLU B 46 25.71 12.79 -21.38
N LEU B 47 24.95 12.84 -22.49
CA LEU B 47 25.05 11.92 -23.63
C LEU B 47 26.47 11.80 -24.18
N GLN B 48 27.22 12.93 -24.26
CA GLN B 48 28.60 12.94 -24.75
C GLN B 48 29.55 12.03 -23.92
N PHE B 49 29.16 11.66 -22.69
CA PHE B 49 29.96 10.80 -21.81
C PHE B 49 29.67 9.31 -22.00
N ILE B 50 28.67 8.98 -22.82
CA ILE B 50 28.33 7.59 -23.11
C ILE B 50 29.18 7.19 -24.33
N ARG B 51 30.36 6.63 -24.06
CA ARG B 51 31.29 6.21 -25.10
C ARG B 51 31.12 4.72 -25.31
N VAL B 52 30.63 4.36 -26.50
CA VAL B 52 30.33 2.97 -26.85
C VAL B 52 31.26 2.31 -27.90
N SER B 53 32.28 3.05 -28.39
CA SER B 53 33.26 2.53 -29.37
C SER B 53 33.88 1.21 -28.89
N SER B 54 34.26 1.15 -27.59
CA SER B 54 34.84 -0.04 -26.95
C SER B 54 33.91 -1.25 -27.03
N ILE B 55 32.59 -1.04 -26.89
CA ILE B 55 31.60 -2.12 -26.98
C ILE B 55 31.56 -2.67 -28.42
N LEU B 56 31.50 -1.78 -29.43
CA LEU B 56 31.50 -2.16 -30.86
C LEU B 56 32.76 -2.92 -31.24
N LYS B 57 33.93 -2.44 -30.77
CA LYS B 57 35.24 -3.02 -31.06
C LYS B 57 35.49 -4.36 -30.39
N GLU B 58 34.84 -4.62 -29.24
CA GLU B 58 35.00 -5.88 -28.51
C GLU B 58 34.25 -7.00 -29.24
N ALA B 59 34.97 -8.07 -29.63
CA ALA B 59 34.41 -9.20 -30.38
C ALA B 59 33.72 -10.26 -29.51
N ASP B 60 34.25 -10.54 -28.31
CA ASP B 60 33.70 -11.53 -27.38
C ASP B 60 32.43 -10.97 -26.71
N LYS B 61 31.28 -11.68 -26.88
CA LYS B 61 29.98 -11.27 -26.33
C LYS B 61 29.98 -11.10 -24.80
N GLU B 62 30.66 -12.01 -24.07
CA GLU B 62 30.73 -11.90 -22.61
C GLU B 62 31.49 -10.64 -22.21
N LYS B 63 32.61 -10.36 -22.89
CA LYS B 63 33.42 -9.17 -22.62
C LYS B 63 32.64 -7.90 -22.98
N LYS B 64 31.86 -7.95 -24.09
CA LYS B 64 30.99 -6.85 -24.55
C LYS B 64 30.06 -6.45 -23.40
N LEU B 65 29.38 -7.45 -22.82
CA LEU B 65 28.42 -7.26 -21.73
C LEU B 65 29.03 -6.71 -20.45
N GLU B 66 30.28 -7.09 -20.17
CA GLU B 66 31.01 -6.63 -18.99
C GLU B 66 31.33 -5.12 -19.06
N LEU B 67 31.27 -4.52 -20.26
CA LEU B 67 31.48 -3.08 -20.44
C LEU B 67 30.24 -2.23 -20.05
N PHE B 68 29.08 -2.89 -19.89
CA PHE B 68 27.83 -2.20 -19.52
C PHE B 68 27.81 -1.71 -18.06
N PRO B 69 27.03 -0.65 -17.74
CA PRO B 69 27.07 -0.08 -16.38
C PRO B 69 26.37 -0.86 -15.27
N TYR B 70 25.62 -1.90 -15.64
CA TYR B 70 24.90 -2.74 -14.68
C TYR B 70 24.87 -4.16 -15.19
N GLN B 71 25.07 -5.13 -14.30
CA GLN B 71 25.01 -6.54 -14.65
C GLN B 71 24.05 -7.24 -13.70
N ASN B 72 23.17 -8.09 -14.22
CA ASN B 72 22.25 -8.83 -13.35
C ASN B 72 21.96 -10.21 -13.97
N ASN B 73 20.92 -10.92 -13.48
CA ASN B 73 20.59 -12.26 -14.01
C ASN B 73 19.80 -12.16 -15.35
N SER B 74 19.47 -10.95 -15.79
CA SER B 74 18.73 -10.75 -17.02
C SER B 74 19.63 -10.79 -18.25
N LYS B 75 19.07 -11.28 -19.38
CA LYS B 75 19.75 -11.34 -20.69
C LYS B 75 19.07 -10.39 -21.72
N TYR B 76 18.14 -9.53 -21.24
CA TYR B 76 17.41 -8.57 -22.07
C TYR B 76 18.32 -7.60 -22.83
N VAL B 77 19.30 -6.99 -22.12
CA VAL B 77 20.31 -6.11 -22.71
C VAL B 77 21.16 -6.93 -23.71
N ALA B 78 21.45 -8.21 -23.37
CA ALA B 78 22.23 -9.13 -24.23
C ALA B 78 21.48 -9.50 -25.50
N LYS B 79 20.14 -9.59 -25.43
CA LYS B 79 19.24 -9.88 -26.55
C LYS B 79 19.28 -8.70 -27.56
N LYS B 80 19.35 -7.45 -27.07
CA LYS B 80 19.37 -6.29 -27.96
C LYS B 80 20.75 -5.98 -28.54
N LEU B 81 21.81 -6.26 -27.76
CA LEU B 81 23.19 -6.03 -28.14
C LEU B 81 23.55 -6.75 -29.46
N ASP B 82 23.04 -8.00 -29.64
CA ASP B 82 23.27 -8.82 -30.84
C ASP B 82 22.85 -8.13 -32.15
N SER B 83 21.91 -7.18 -32.09
CA SER B 83 21.45 -6.46 -33.27
C SER B 83 22.20 -5.12 -33.49
N LEU B 84 22.95 -4.67 -32.48
CA LEU B 84 23.72 -3.42 -32.53
C LEU B 84 25.19 -3.75 -32.69
N THR B 85 25.66 -3.79 -33.92
CA THR B 85 27.04 -4.17 -34.25
C THR B 85 27.80 -3.17 -35.12
N GLN B 86 27.07 -2.30 -35.84
CA GLN B 86 27.66 -1.35 -36.77
C GLN B 86 27.77 0.09 -36.23
N PRO B 87 28.79 0.88 -36.68
CA PRO B 87 28.93 2.27 -36.19
C PRO B 87 27.72 3.17 -36.44
N SER B 88 26.90 2.88 -37.48
CA SER B 88 25.69 3.66 -37.76
C SER B 88 24.61 3.54 -36.68
N GLN B 89 24.72 2.48 -35.83
CA GLN B 89 23.77 2.20 -34.75
C GLN B 89 24.24 2.74 -33.39
N MSE B 90 25.34 3.57 -33.38
CA MSE B 90 25.96 4.16 -32.19
C MSE B 90 24.95 4.80 -31.22
O MSE B 90 25.05 4.55 -30.02
CB MSE B 90 27.04 5.16 -32.58
CG MSE B 90 27.93 5.59 -31.41
SE MSE B 90 28.68 7.36 -31.65
CE MSE B 90 27.05 8.48 -31.55
N THR B 91 24.00 5.59 -31.75
CA THR B 91 22.95 6.26 -30.97
C THR B 91 22.11 5.24 -30.21
N LYS B 92 21.69 4.16 -30.89
CA LYS B 92 20.91 3.08 -30.27
C LYS B 92 21.73 2.36 -29.20
N LEU B 93 23.04 2.17 -29.44
CA LEU B 93 23.94 1.54 -28.48
C LEU B 93 24.11 2.42 -27.23
N GLN B 94 24.17 3.75 -27.43
CA GLN B 94 24.25 4.70 -26.32
C GLN B 94 22.99 4.59 -25.46
N MSE B 95 21.83 4.45 -26.11
CA MSE B 95 20.55 4.31 -25.44
C MSE B 95 20.47 2.97 -24.71
O MSE B 95 19.93 2.95 -23.61
CB MSE B 95 19.40 4.46 -26.43
CG MSE B 95 19.06 5.89 -26.69
SE MSE B 95 17.34 6.04 -27.62
CE MSE B 95 18.15 5.55 -29.44
N LEU B 96 21.02 1.89 -25.29
CA LEU B 96 21.04 0.59 -24.63
C LEU B 96 21.92 0.65 -23.37
N TYR B 97 23.06 1.36 -23.47
CA TYR B 97 23.98 1.57 -22.34
C TYR B 97 23.20 2.30 -21.22
N TYR B 98 22.46 3.36 -21.57
CA TYR B 98 21.69 4.13 -20.60
C TYR B 98 20.54 3.34 -20.00
N LEU B 99 19.88 2.48 -20.82
N LEU B 99 19.88 2.49 -20.82
CA LEU B 99 18.80 1.60 -20.37
CA LEU B 99 18.80 1.61 -20.36
C LEU B 99 19.35 0.70 -19.26
C LEU B 99 19.34 0.68 -19.27
N SER B 100 20.56 0.12 -19.48
CA SER B 100 21.23 -0.77 -18.51
C SER B 100 21.40 -0.03 -17.17
N LEU B 101 21.86 1.22 -17.23
CA LEU B 101 22.06 2.07 -16.05
C LEU B 101 20.72 2.36 -15.32
N LEU B 102 19.67 2.73 -16.08
CA LEU B 102 18.34 3.00 -15.51
C LEU B 102 17.77 1.76 -14.83
N LEU B 103 17.96 0.57 -15.45
CA LEU B 103 17.55 -0.71 -14.89
C LEU B 103 18.29 -0.95 -13.56
N GLY B 104 19.59 -0.64 -13.51
CA GLY B 104 20.43 -0.76 -12.31
C GLY B 104 19.91 0.10 -11.18
N VAL B 105 19.56 1.36 -11.52
CA VAL B 105 18.99 2.29 -10.56
C VAL B 105 17.62 1.76 -10.10
N TYR B 106 16.76 1.36 -11.03
CA TYR B 106 15.42 0.86 -10.72
C TYR B 106 15.47 -0.38 -9.80
N GLU B 107 16.25 -1.41 -10.14
CA GLU B 107 16.35 -2.61 -9.29
C GLU B 107 16.97 -2.31 -7.93
N ASN B 108 17.80 -1.27 -7.86
CA ASN B 108 18.45 -0.86 -6.60
C ASN B 108 17.81 0.44 -6.06
N ARG B 109 16.50 0.64 -6.33
CA ARG B 109 15.77 1.84 -5.93
C ARG B 109 15.69 2.06 -4.40
N ARG B 110 15.98 1.05 -3.58
CA ARG B 110 15.94 1.20 -2.12
C ARG B 110 17.24 1.75 -1.56
N VAL B 111 18.31 1.76 -2.37
CA VAL B 111 19.59 2.39 -1.98
C VAL B 111 19.28 3.91 -1.84
N ASN B 112 19.79 4.55 -0.75
CA ASN B 112 19.49 5.95 -0.45
CA ASN B 112 19.49 5.95 -0.48
C ASN B 112 20.66 6.96 -0.55
N ASN B 113 21.81 6.54 -1.11
CA ASN B 113 22.94 7.47 -1.30
C ASN B 113 23.82 7.10 -2.46
N LYS B 114 24.42 8.11 -3.07
CA LYS B 114 25.27 7.98 -4.24
C LYS B 114 26.40 6.95 -4.09
N THR B 115 27.19 7.07 -3.01
CA THR B 115 28.31 6.14 -2.79
C THR B 115 27.85 4.70 -2.74
N LYS B 116 26.73 4.43 -2.01
CA LYS B 116 26.18 3.07 -1.92
C LYS B 116 25.58 2.62 -3.25
N LEU B 117 25.04 3.55 -4.04
CA LEU B 117 24.49 3.23 -5.36
C LEU B 117 25.60 2.77 -6.31
N LEU B 118 26.73 3.52 -6.32
CA LEU B 118 27.89 3.19 -7.15
C LEU B 118 28.46 1.79 -6.83
N GLU B 119 28.36 1.35 -5.57
CA GLU B 119 28.79 0.01 -5.16
C GLU B 119 27.96 -1.09 -5.87
N ARG B 120 26.73 -0.77 -6.33
CA ARG B 120 25.85 -1.75 -7.02
C ARG B 120 26.02 -1.72 -8.52
N LEU B 121 26.70 -0.68 -9.03
CA LEU B 121 26.86 -0.49 -10.47
C LEU B 121 28.27 -0.82 -10.93
N ASN B 122 28.49 -0.90 -12.24
CA ASN B 122 29.75 -1.28 -12.85
C ASN B 122 30.51 -0.09 -13.44
N SER B 123 30.94 0.82 -12.57
CA SER B 123 31.72 2.01 -12.91
C SER B 123 31.14 2.88 -14.04
N PRO B 124 29.85 3.31 -14.01
CA PRO B 124 29.38 4.20 -15.08
C PRO B 124 30.04 5.59 -14.90
N PRO B 125 30.16 6.42 -15.96
CA PRO B 125 30.68 7.79 -15.73
C PRO B 125 29.78 8.45 -14.67
N GLU B 126 30.40 8.98 -13.62
CA GLU B 126 29.72 9.62 -12.49
C GLU B 126 28.66 10.69 -12.89
N ILE B 127 28.92 11.46 -13.97
CA ILE B 127 28.00 12.51 -14.45
C ILE B 127 26.61 11.92 -14.78
N LEU B 128 26.57 10.67 -15.27
CA LEU B 128 25.32 9.99 -15.60
C LEU B 128 24.51 9.70 -14.34
N VAL B 129 25.20 9.20 -13.29
CA VAL B 129 24.57 8.91 -12.00
C VAL B 129 24.06 10.21 -11.37
N ASP B 130 24.88 11.29 -11.40
CA ASP B 130 24.48 12.60 -10.86
C ASP B 130 23.21 13.12 -11.55
N GLY B 131 23.12 12.94 -12.87
CA GLY B 131 21.96 13.35 -13.65
C GLY B 131 20.70 12.62 -13.23
N ILE B 132 20.83 11.29 -13.01
CA ILE B 132 19.70 10.45 -12.57
C ILE B 132 19.22 10.84 -11.15
N LEU B 133 20.15 11.05 -10.22
CA LEU B 133 19.79 11.46 -8.86
C LEU B 133 19.12 12.84 -8.83
N SER B 134 19.58 13.77 -9.69
CA SER B 134 18.98 15.09 -9.71
C SER B 134 17.60 15.10 -10.37
N ARG B 135 17.32 14.19 -11.34
CA ARG B 135 16.03 14.20 -12.04
C ARG B 135 15.03 13.09 -11.72
N PHE B 136 15.46 12.02 -11.02
CA PHE B 136 14.58 10.90 -10.73
C PHE B 136 14.44 10.56 -9.27
N THR B 137 14.89 11.46 -8.38
CA THR B 137 14.83 11.20 -6.95
C THR B 137 14.38 12.42 -6.15
N VAL B 138 14.07 12.23 -4.86
CA VAL B 138 13.66 13.29 -3.92
C VAL B 138 14.74 13.38 -2.83
N ILE B 139 15.08 14.56 -2.31
CA ILE B 139 15.98 14.63 -1.16
C ILE B 139 15.13 14.36 0.10
N LYS B 140 15.63 13.52 1.03
CA LYS B 140 14.89 13.22 2.26
C LYS B 140 15.42 13.94 3.53
N PRO B 141 14.52 14.44 4.43
CA PRO B 141 15.01 15.17 5.62
C PRO B 141 15.89 14.34 6.56
N SER B 147 26.10 17.30 4.64
CA SER B 147 27.30 17.58 5.41
C SER B 147 28.38 16.50 5.21
N LYS B 148 27.99 15.22 5.33
CA LYS B 148 28.89 14.07 5.17
C LYS B 148 28.65 13.40 3.82
N ASP B 149 27.37 13.06 3.52
CA ASP B 149 26.91 12.43 2.27
C ASP B 149 25.47 12.87 1.98
N ARG B 150 25.11 12.97 0.69
CA ARG B 150 23.77 13.39 0.28
C ARG B 150 22.82 12.21 0.08
N SER B 151 21.76 12.16 0.91
CA SER B 151 20.76 11.11 0.87
C SER B 151 19.57 11.45 -0.04
N TYR B 152 19.03 10.43 -0.70
CA TYR B 152 17.89 10.61 -1.59
C TYR B 152 16.85 9.53 -1.40
N PHE B 153 15.69 9.69 -2.05
CA PHE B 153 14.62 8.71 -1.98
C PHE B 153 13.90 8.63 -3.32
N ILE B 154 13.57 7.40 -3.76
CA ILE B 154 12.83 7.19 -5.00
C ILE B 154 11.40 6.87 -4.59
N ASP B 155 10.49 7.86 -4.75
CA ASP B 155 9.08 7.73 -4.38
C ASP B 155 8.25 7.07 -5.51
N PRO B 156 6.96 6.69 -5.33
CA PRO B 156 6.23 6.04 -6.43
C PRO B 156 6.15 6.83 -7.74
N GLN B 157 6.05 8.18 -7.68
CA GLN B 157 6.03 8.99 -8.90
C GLN B 157 7.37 8.88 -9.62
N ASN B 158 8.51 8.88 -8.86
CA ASN B 158 9.85 8.72 -9.43
C ASN B 158 10.01 7.33 -10.04
N GLU B 159 9.42 6.28 -9.41
CA GLU B 159 9.48 4.91 -9.96
C GLU B 159 8.80 4.90 -11.35
N ASP B 160 7.63 5.53 -11.48
CA ASP B 160 6.93 5.62 -12.77
C ASP B 160 7.75 6.39 -13.81
N LYS B 161 8.44 7.46 -13.37
CA LYS B 161 9.29 8.27 -14.24
C LYS B 161 10.46 7.44 -14.79
N ILE B 162 11.20 6.71 -13.94
CA ILE B 162 12.31 5.86 -14.37
C ILE B 162 11.77 4.83 -15.39
N LEU B 163 10.61 4.20 -15.06
CA LEU B 163 10.00 3.21 -15.94
C LEU B 163 9.59 3.80 -17.30
N CYS B 164 9.03 5.03 -17.32
CA CYS B 164 8.66 5.68 -18.58
C CYS B 164 9.88 5.97 -19.47
N TYR B 165 11.02 6.37 -18.87
CA TYR B 165 12.27 6.60 -19.61
C TYR B 165 12.79 5.29 -20.16
N ILE B 166 12.71 4.20 -19.36
CA ILE B 166 13.11 2.86 -19.80
C ILE B 166 12.25 2.45 -21.02
N LEU B 167 10.90 2.60 -20.90
CA LEU B 167 9.97 2.23 -21.98
C LEU B 167 10.18 3.05 -23.22
N ALA B 168 10.50 4.36 -23.10
CA ALA B 168 10.77 5.26 -24.24
C ALA B 168 12.00 4.74 -25.00
N ILE B 169 13.05 4.30 -24.26
CA ILE B 169 14.26 3.73 -24.85
C ILE B 169 13.90 2.45 -25.60
N ILE B 170 13.11 1.56 -24.95
CA ILE B 170 12.71 0.28 -25.53
C ILE B 170 11.99 0.47 -26.87
N MSE B 171 11.10 1.47 -26.94
CA MSE B 171 10.37 1.82 -28.15
CA MSE B 171 10.36 1.83 -28.16
C MSE B 171 11.35 2.10 -29.29
O MSE B 171 11.15 1.60 -30.39
CB MSE B 171 9.46 3.02 -27.90
CB MSE B 171 9.44 3.06 -27.94
CG MSE B 171 8.11 2.60 -27.38
CG MSE B 171 8.40 2.88 -26.84
SE MSE B 171 6.99 1.90 -28.82
SE MSE B 171 6.67 3.78 -27.06
CE MSE B 171 5.36 1.87 -27.90
CE MSE B 171 5.74 2.24 -27.89
N HIS B 172 12.43 2.87 -29.01
CA HIS B 172 13.45 3.16 -30.03
C HIS B 172 14.17 1.87 -30.44
N LEU B 173 14.60 1.06 -29.45
CA LEU B 173 15.34 -0.17 -29.73
C LEU B 173 14.55 -1.25 -30.44
N ASP B 174 13.21 -1.31 -30.21
CA ASP B 174 12.34 -2.31 -30.82
C ASP B 174 11.64 -1.79 -32.08
N ASN B 175 12.11 -0.66 -32.60
CA ASN B 175 11.54 -0.02 -33.80
C ASN B 175 10.03 0.25 -33.70
N PHE B 176 9.61 0.73 -32.51
CA PHE B 176 8.25 1.17 -32.23
C PHE B 176 7.15 0.12 -32.28
N ILE B 177 7.52 -1.17 -32.08
CA ILE B 177 6.60 -2.30 -31.99
C ILE B 177 7.12 -3.12 -30.79
N VAL B 178 6.46 -2.99 -29.64
CA VAL B 178 6.90 -3.63 -28.40
C VAL B 178 5.92 -4.69 -27.91
N GLU B 179 6.41 -5.92 -27.62
CA GLU B 179 5.61 -6.99 -27.01
C GLU B 179 5.57 -6.69 -25.50
N ILE B 180 4.36 -6.54 -24.93
CA ILE B 180 4.15 -6.22 -23.51
C ILE B 180 4.59 -7.34 -22.57
N THR B 181 4.07 -8.56 -22.78
CA THR B 181 4.32 -9.73 -21.92
C THR B 181 5.80 -10.00 -21.58
N PRO B 182 6.73 -10.19 -22.56
CA PRO B 182 8.14 -10.44 -22.21
C PRO B 182 8.73 -9.30 -21.39
N LEU B 183 8.32 -8.04 -21.70
CA LEU B 183 8.78 -6.86 -21.01
C LEU B 183 8.29 -6.81 -19.58
N ALA B 184 7.02 -7.15 -19.34
CA ALA B 184 6.45 -7.18 -18.01
C ALA B 184 7.24 -8.17 -17.11
N HIS B 185 7.61 -9.36 -17.67
CA HIS B 185 8.39 -10.38 -16.94
CA HIS B 185 8.38 -10.37 -16.94
C HIS B 185 9.76 -9.82 -16.57
N GLU B 186 10.44 -9.14 -17.53
CA GLU B 186 11.75 -8.53 -17.34
C GLU B 186 11.77 -7.52 -16.18
N LEU B 187 10.79 -6.60 -16.15
CA LEU B 187 10.71 -5.53 -15.15
C LEU B 187 10.05 -5.93 -13.83
N ASN B 188 9.51 -7.18 -13.76
CA ASN B 188 8.78 -7.72 -12.61
C ASN B 188 7.53 -6.87 -12.30
N LEU B 189 6.79 -6.55 -13.37
CA LEU B 189 5.58 -5.75 -13.30
C LEU B 189 4.43 -6.52 -13.87
N LYS B 190 3.23 -6.23 -13.40
CA LYS B 190 2.03 -6.85 -13.97
C LYS B 190 1.90 -6.30 -15.40
N PRO B 191 1.50 -7.13 -16.39
CA PRO B 191 1.34 -6.60 -17.77
C PRO B 191 0.45 -5.36 -17.82
N SER B 192 -0.60 -5.28 -16.96
CA SER B 192 -1.50 -4.12 -16.89
C SER B 192 -0.74 -2.83 -16.52
N LYS B 193 0.33 -2.95 -15.69
CA LYS B 193 1.15 -1.80 -15.31
C LYS B 193 1.99 -1.33 -16.51
N VAL B 194 2.58 -2.27 -17.28
CA VAL B 194 3.36 -1.93 -18.48
C VAL B 194 2.43 -1.24 -19.50
N VAL B 195 1.21 -1.79 -19.70
CA VAL B 195 0.19 -1.24 -20.60
C VAL B 195 -0.13 0.22 -20.17
N SER B 196 -0.37 0.43 -18.86
CA SER B 196 -0.68 1.74 -18.27
C SER B 196 0.42 2.77 -18.54
N LEU B 197 1.68 2.40 -18.32
CA LEU B 197 2.82 3.28 -18.53
C LEU B 197 3.00 3.60 -20.01
N PHE B 198 2.78 2.61 -20.91
CA PHE B 198 2.85 2.91 -22.34
C PHE B 198 1.77 3.91 -22.75
N ARG B 199 0.58 3.82 -22.13
CA ARG B 199 -0.50 4.77 -22.40
C ARG B 199 -0.19 6.16 -21.85
N VAL B 200 0.55 6.26 -20.72
CA VAL B 200 1.00 7.55 -20.14
C VAL B 200 1.98 8.18 -21.17
N LEU B 201 2.81 7.34 -21.83
CA LEU B 201 3.74 7.79 -22.87
C LEU B 201 3.04 8.17 -24.21
N GLY B 202 1.75 7.86 -24.33
CA GLY B 202 1.02 8.18 -25.55
C GLY B 202 1.14 7.12 -26.63
N ALA B 203 1.62 5.94 -26.25
CA ALA B 203 1.70 4.79 -27.17
C ALA B 203 0.30 4.19 -27.31
N ILE B 204 0.05 3.48 -28.41
CA ILE B 204 -1.20 2.78 -28.66
C ILE B 204 -0.97 1.32 -28.27
N VAL B 205 -1.80 0.79 -27.37
CA VAL B 205 -1.67 -0.60 -26.89
C VAL B 205 -2.94 -1.38 -27.27
N LYS B 206 -2.75 -2.44 -28.06
CA LYS B 206 -3.82 -3.29 -28.57
C LYS B 206 -3.35 -4.74 -28.64
N GLY B 207 -4.29 -5.67 -28.81
CA GLY B 207 -3.94 -7.08 -29.00
C GLY B 207 -3.23 -7.26 -30.33
N ALA B 208 -2.33 -8.25 -30.40
CA ALA B 208 -1.56 -8.53 -31.61
C ALA B 208 -2.48 -8.91 -32.77
N THR B 209 -2.14 -8.43 -33.98
CA THR B 209 -2.87 -8.78 -35.20
C THR B 209 -2.36 -10.18 -35.60
N VAL B 210 -3.04 -10.85 -36.55
CA VAL B 210 -2.64 -12.17 -37.06
C VAL B 210 -1.19 -12.18 -37.55
N ALA B 211 -0.80 -11.18 -38.37
CA ALA B 211 0.54 -11.00 -38.91
C ALA B 211 1.58 -10.81 -37.79
N GLN B 212 1.24 -10.00 -36.77
CA GLN B 212 2.13 -9.76 -35.63
C GLN B 212 2.33 -11.02 -34.82
N ALA B 213 1.23 -11.80 -34.61
CA ALA B 213 1.18 -13.07 -33.87
C ALA B 213 2.09 -14.15 -34.46
N GLU B 214 2.12 -14.28 -35.80
CA GLU B 214 2.98 -15.25 -36.47
C GLU B 214 4.45 -14.80 -36.43
N ALA B 215 4.69 -13.47 -36.55
CA ALA B 215 6.02 -12.87 -36.51
C ALA B 215 6.69 -13.01 -35.14
N PHE B 216 5.93 -12.75 -34.04
CA PHE B 216 6.44 -12.88 -32.67
C PHE B 216 6.46 -14.33 -32.17
N GLY B 217 5.87 -15.23 -32.97
CA GLY B 217 5.80 -16.66 -32.68
C GLY B 217 4.90 -17.01 -31.52
N ILE B 218 3.67 -16.49 -31.53
CA ILE B 218 2.67 -16.73 -30.48
C ILE B 218 1.40 -17.39 -31.07
N PRO B 219 0.67 -18.26 -30.31
CA PRO B 219 -0.54 -18.90 -30.88
C PRO B 219 -1.57 -17.92 -31.43
N LYS B 220 -2.06 -18.19 -32.66
CA LYS B 220 -3.05 -17.37 -33.37
C LYS B 220 -4.33 -17.13 -32.58
N SER B 221 -4.75 -18.12 -31.77
CA SER B 221 -5.95 -18.07 -30.92
C SER B 221 -5.77 -17.10 -29.75
N THR B 222 -4.53 -16.97 -29.24
CA THR B 222 -4.17 -16.11 -28.10
C THR B 222 -3.72 -14.70 -28.53
N ALA B 223 -3.73 -14.42 -29.86
CA ALA B 223 -3.29 -13.15 -30.45
C ALA B 223 -3.86 -11.89 -29.78
N ALA B 224 -5.20 -11.81 -29.65
CA ALA B 224 -5.91 -10.67 -29.06
C ALA B 224 -5.55 -10.39 -27.60
N SER B 225 -5.13 -11.43 -26.84
CA SER B 225 -4.72 -11.29 -25.44
C SER B 225 -3.23 -10.93 -25.29
N TYR B 226 -2.46 -11.02 -26.38
CA TYR B 226 -1.02 -10.71 -26.39
C TYR B 226 -0.87 -9.23 -26.79
N LYS B 227 -0.69 -8.36 -25.80
CA LYS B 227 -0.65 -6.92 -26.06
C LYS B 227 0.63 -6.41 -26.68
N ILE B 228 0.47 -5.51 -27.68
CA ILE B 228 1.56 -4.90 -28.43
C ILE B 228 1.46 -3.36 -28.31
N ALA B 229 2.56 -2.70 -27.98
CA ALA B 229 2.60 -1.24 -27.89
C ALA B 229 3.24 -0.70 -29.15
N THR B 230 2.60 0.32 -29.74
CA THR B 230 3.06 0.99 -30.95
C THR B 230 2.97 2.51 -30.81
N MSE B 231 3.73 3.23 -31.65
CA MSE B 231 3.68 4.70 -31.67
C MSE B 231 3.48 5.14 -33.08
O MSE B 231 3.99 4.49 -34.00
CB MSE B 231 4.92 5.34 -31.04
CG MSE B 231 4.95 5.16 -29.55
SE MSE B 231 6.02 6.44 -28.63
CE MSE B 231 4.83 7.80 -28.53
N LYS B 232 2.69 6.23 -33.24
CA LYS B 232 2.29 6.81 -34.51
C LYS B 232 2.25 8.34 -34.47
N VAL B 233 2.52 8.93 -35.62
CA VAL B 233 2.43 10.38 -35.82
C VAL B 233 1.19 10.66 -36.65
N PRO B 234 0.41 11.74 -36.40
CA PRO B 234 0.59 12.76 -35.35
C PRO B 234 0.38 12.20 -33.96
N PHE B 235 1.23 12.65 -33.03
CA PHE B 235 1.16 12.24 -31.63
C PHE B 235 -0.13 12.78 -31.01
N LYS B 236 -0.66 12.06 -30.00
CA LYS B 236 -1.87 12.51 -29.30
C LYS B 236 -1.61 13.87 -28.60
N LEU B 237 -2.66 14.65 -28.43
CA LEU B 237 -2.60 15.96 -27.77
C LEU B 237 -3.18 15.85 -26.35
N ASN C 18 18.28 -5.97 22.33
CA ASN C 18 17.24 -5.76 21.32
C ASN C 18 16.51 -7.06 21.00
N ASP C 19 17.24 -8.19 20.97
CA ASP C 19 16.72 -9.53 20.67
C ASP C 19 15.80 -10.03 21.78
N ARG C 20 16.20 -9.79 23.04
CA ARG C 20 15.49 -10.19 24.26
C ARG C 20 14.05 -9.63 24.29
N PRO C 21 13.06 -10.50 24.60
CA PRO C 21 11.68 -10.02 24.68
C PRO C 21 11.42 -9.13 25.90
N THR C 22 12.27 -9.19 26.93
CA THR C 22 12.03 -8.40 28.14
C THR C 22 13.00 -7.23 28.24
N PRO C 23 12.72 -6.21 29.09
CA PRO C 23 13.77 -5.23 29.39
C PRO C 23 14.90 -5.97 30.13
N LEU C 24 16.09 -5.39 30.20
CA LEU C 24 17.23 -6.03 30.87
C LEU C 24 17.03 -6.11 32.39
N ALA C 25 16.96 -7.32 32.95
CA ALA C 25 16.75 -7.47 34.39
C ALA C 25 18.03 -7.31 35.18
N ASN C 26 17.94 -6.73 36.38
CA ASN C 26 19.09 -6.69 37.29
C ASN C 26 18.84 -7.85 38.27
N ILE C 27 19.44 -9.02 38.02
CA ILE C 27 19.24 -10.21 38.87
C ILE C 27 19.68 -9.98 40.34
N ASP C 28 20.55 -9.01 40.57
CA ASP C 28 21.06 -8.71 41.90
C ASP C 28 20.31 -7.61 42.64
N ALA C 29 19.13 -7.18 42.11
CA ALA C 29 18.29 -6.17 42.74
C ALA C 29 17.94 -6.56 44.19
N THR C 30 18.03 -5.58 45.10
CA THR C 30 17.69 -5.77 46.52
C THR C 30 16.32 -5.18 46.86
N ASP C 31 15.71 -4.52 45.86
CA ASP C 31 14.38 -3.96 45.96
CA ASP C 31 14.37 -3.93 45.93
C ASP C 31 13.65 -4.33 44.66
N VAL C 32 12.39 -4.76 44.76
CA VAL C 32 11.60 -5.19 43.58
C VAL C 32 11.59 -4.16 42.42
N GLU C 33 11.58 -2.85 42.78
CA GLU C 33 11.57 -1.72 41.86
C GLU C 33 12.85 -1.68 41.03
N GLN C 34 13.92 -2.34 41.49
CA GLN C 34 15.21 -2.40 40.78
C GLN C 34 15.41 -3.62 39.89
N ILE C 35 14.46 -4.58 39.84
CA ILE C 35 14.58 -5.75 38.95
C ILE C 35 14.57 -5.23 37.50
N TYR C 36 13.53 -4.46 37.15
CA TYR C 36 13.42 -3.80 35.84
C TYR C 36 13.41 -2.31 36.12
N PRO C 37 14.59 -1.67 36.32
CA PRO C 37 14.57 -0.23 36.65
C PRO C 37 14.04 0.59 35.48
N ILE C 38 13.53 1.80 35.77
CA ILE C 38 12.97 2.69 34.75
C ILE C 38 13.89 2.83 33.53
N GLU C 39 15.22 2.94 33.77
CA GLU C 39 16.21 3.07 32.70
C GLU C 39 16.30 1.87 31.74
N SER C 40 15.89 0.64 32.20
CA SER C 40 15.89 -0.54 31.34
C SER C 40 14.61 -0.51 30.48
N ILE C 41 13.53 0.11 30.97
CA ILE C 41 12.25 0.20 30.25
C ILE C 41 12.26 1.38 29.25
N ILE C 42 12.77 2.54 29.70
CA ILE C 42 12.84 3.76 28.89
C ILE C 42 14.25 4.34 29.05
N PRO C 43 15.07 4.47 28.01
CA PRO C 43 16.40 5.09 28.21
C PRO C 43 16.26 6.50 28.78
N LYS C 44 17.17 6.89 29.71
CA LYS C 44 17.17 8.23 30.33
C LYS C 44 17.05 9.36 29.29
N LYS C 45 17.74 9.21 28.15
CA LYS C 45 17.77 10.12 26.98
C LYS C 45 16.34 10.44 26.47
N GLU C 46 15.47 9.43 26.46
CA GLU C 46 14.12 9.61 25.98
C GLU C 46 13.17 10.03 27.07
N LEU C 47 13.35 9.48 28.28
CA LEU C 47 12.53 9.74 29.47
C LEU C 47 12.38 11.24 29.80
N GLN C 48 13.47 12.01 29.62
CA GLN C 48 13.48 13.46 29.84
C GLN C 48 12.43 14.20 28.99
N PHE C 49 12.09 13.67 27.80
CA PHE C 49 11.10 14.27 26.90
C PHE C 49 9.64 14.00 27.34
N ILE C 50 9.46 13.17 28.37
CA ILE C 50 8.13 12.87 28.90
C ILE C 50 7.80 13.90 29.98
N ARG C 51 7.09 14.94 29.58
CA ARG C 51 6.74 16.06 30.42
C ARG C 51 5.32 15.91 30.90
N VAL C 52 5.15 15.71 32.22
CA VAL C 52 3.84 15.42 32.82
C VAL C 52 3.26 16.48 33.77
N SER C 53 3.97 17.61 33.99
CA SER C 53 3.51 18.71 34.85
C SER C 53 2.08 19.15 34.49
N SER C 54 1.81 19.29 33.18
CA SER C 54 0.50 19.69 32.67
C SER C 54 -0.60 18.73 33.06
N ILE C 55 -0.30 17.41 33.07
CA ILE C 55 -1.26 16.38 33.48
C ILE C 55 -1.61 16.56 34.97
N LEU C 56 -0.59 16.73 35.83
CA LEU C 56 -0.78 16.94 37.28
C LEU C 56 -1.58 18.19 37.58
N LYS C 57 -1.29 19.28 36.86
CA LYS C 57 -1.95 20.58 37.02
C LYS C 57 -3.41 20.59 36.61
N GLU C 58 -3.80 19.75 35.64
CA GLU C 58 -5.21 19.65 35.23
C GLU C 58 -5.98 18.99 36.36
N ALA C 59 -7.15 19.53 36.65
CA ALA C 59 -8.02 19.00 37.72
C ALA C 59 -8.99 17.97 37.15
N ASP C 60 -9.55 18.22 35.95
CA ASP C 60 -10.52 17.33 35.30
C ASP C 60 -9.87 16.14 34.65
N LYS C 61 -10.40 14.93 34.95
CA LYS C 61 -9.97 13.64 34.42
C LYS C 61 -9.90 13.67 32.89
N GLU C 62 -10.97 14.16 32.22
CA GLU C 62 -11.08 14.31 30.78
C GLU C 62 -9.94 15.18 30.22
N LYS C 63 -9.59 16.27 30.91
CA LYS C 63 -8.51 17.16 30.49
C LYS C 63 -7.13 16.51 30.67
N LYS C 64 -6.95 15.74 31.76
CA LYS C 64 -5.70 15.03 31.99
C LYS C 64 -5.48 14.01 30.86
N LEU C 65 -6.52 13.21 30.53
CA LEU C 65 -6.50 12.15 29.50
C LEU C 65 -6.22 12.65 28.09
N GLU C 66 -6.76 13.82 27.72
CA GLU C 66 -6.53 14.41 26.41
C GLU C 66 -5.03 14.74 26.22
N LEU C 67 -4.26 14.88 27.31
CA LEU C 67 -2.83 15.14 27.22
C LEU C 67 -2.01 13.87 26.96
N PHE C 68 -2.62 12.67 27.07
CA PHE C 68 -1.92 11.41 26.85
C PHE C 68 -1.60 11.16 25.36
N PRO C 69 -0.54 10.35 25.04
CA PRO C 69 -0.17 10.18 23.63
C PRO C 69 -1.05 9.27 22.78
N TYR C 70 -1.97 8.54 23.41
CA TYR C 70 -2.89 7.64 22.74
C TYR C 70 -4.22 7.69 23.44
N GLN C 71 -5.27 7.75 22.64
CA GLN C 71 -6.60 7.95 23.18
C GLN C 71 -7.57 6.81 22.95
N ASN C 72 -7.34 5.97 21.93
CA ASN C 72 -8.25 4.86 21.61
C ASN C 72 -8.34 3.66 22.60
N ASN C 73 -7.50 3.67 23.65
CA ASN C 73 -7.51 2.67 24.71
C ASN C 73 -7.05 3.35 25.96
N SER C 74 -8.00 3.67 26.90
CA SER C 74 -7.68 4.37 28.14
CA SER C 74 -7.70 4.39 28.14
C SER C 74 -8.25 3.70 29.43
N LYS C 75 -8.77 2.47 29.33
CA LYS C 75 -9.35 1.72 30.48
C LYS C 75 -8.43 1.63 31.73
N TYR C 76 -7.24 1.03 31.57
CA TYR C 76 -6.24 0.90 32.64
C TYR C 76 -5.71 2.28 33.02
N VAL C 77 -5.44 3.11 31.99
CA VAL C 77 -4.91 4.46 32.13
C VAL C 77 -5.81 5.34 33.03
N ALA C 78 -7.13 5.34 32.78
CA ALA C 78 -8.09 6.16 33.54
C ALA C 78 -8.10 5.80 35.02
N LYS C 79 -8.03 4.47 35.31
CA LYS C 79 -8.03 3.93 36.67
C LYS C 79 -6.74 4.34 37.40
N LYS C 80 -5.57 4.24 36.72
CA LYS C 80 -4.31 4.62 37.34
C LYS C 80 -4.15 6.11 37.57
N LEU C 81 -4.78 6.95 36.72
CA LEU C 81 -4.73 8.41 36.86
C LEU C 81 -5.28 8.90 38.19
N ASP C 82 -6.35 8.27 38.69
CA ASP C 82 -6.98 8.60 39.97
C ASP C 82 -6.03 8.52 41.17
N SER C 83 -4.99 7.67 41.08
CA SER C 83 -4.00 7.46 42.13
CA SER C 83 -3.98 7.44 42.12
C SER C 83 -2.74 8.33 41.97
N LEU C 84 -2.45 8.82 40.74
CA LEU C 84 -1.27 9.64 40.46
C LEU C 84 -1.56 11.17 40.36
N THR C 85 -1.69 11.82 41.50
CA THR C 85 -2.06 13.23 41.60
C THR C 85 -1.00 14.14 42.19
N GLN C 86 0.00 13.58 42.88
CA GLN C 86 1.04 14.35 43.54
C GLN C 86 2.37 14.47 42.79
N PRO C 87 3.12 15.60 42.95
CA PRO C 87 4.41 15.74 42.25
C PRO C 87 5.44 14.66 42.57
N SER C 88 5.37 14.01 43.75
CA SER C 88 6.27 12.91 44.11
C SER C 88 6.06 11.67 43.23
N GLN C 89 4.91 11.61 42.53
CA GLN C 89 4.53 10.51 41.66
C GLN C 89 4.85 10.78 40.18
N MSE C 90 5.67 11.83 39.88
CA MSE C 90 6.04 12.24 38.53
CA MSE C 90 6.00 12.20 38.52
C MSE C 90 6.62 11.09 37.68
O MSE C 90 6.22 10.93 36.53
CB MSE C 90 7.02 13.44 38.55
CB MSE C 90 6.76 13.53 38.44
CG MSE C 90 7.15 14.13 37.17
CG MSE C 90 5.82 14.70 38.59
SE MSE C 90 8.78 15.15 36.82
SE MSE C 90 6.59 16.48 38.68
CE MSE C 90 10.10 13.68 37.03
CE MSE C 90 7.29 16.56 36.82
N THR C 91 7.56 10.33 38.24
CA THR C 91 8.22 9.20 37.56
C THR C 91 7.18 8.14 37.14
N LYS C 92 6.24 7.79 38.05
CA LYS C 92 5.16 6.84 37.78
C LYS C 92 4.23 7.38 36.69
N LEU C 93 3.97 8.69 36.71
CA LEU C 93 3.14 9.34 35.69
C LEU C 93 3.84 9.32 34.32
N GLN C 94 5.18 9.47 34.27
CA GLN C 94 5.92 9.37 33.00
C GLN C 94 5.82 7.93 32.47
N MSE C 95 5.88 6.94 33.38
CA MSE C 95 5.75 5.54 32.99
C MSE C 95 4.33 5.27 32.46
O MSE C 95 4.20 4.54 31.47
CB MSE C 95 6.11 4.62 34.14
CG MSE C 95 7.60 4.41 34.29
SE MSE C 95 7.99 3.05 35.70
CE MSE C 95 7.72 4.15 37.23
N LEU C 96 3.30 5.86 33.08
CA LEU C 96 1.92 5.70 32.62
C LEU C 96 1.76 6.34 31.22
N TYR C 97 2.38 7.52 31.01
CA TYR C 97 2.40 8.21 29.72
C TYR C 97 3.05 7.28 28.66
N TYR C 98 4.18 6.66 28.99
CA TYR C 98 4.88 5.75 28.07
C TYR C 98 4.06 4.49 27.78
N LEU C 99 3.35 3.97 28.81
CA LEU C 99 2.48 2.80 28.68
CA LEU C 99 2.49 2.80 28.67
C LEU C 99 1.39 3.12 27.64
N SER C 100 0.79 4.31 27.73
CA SER C 100 -0.25 4.76 26.81
C SER C 100 0.29 4.73 25.37
N LEU C 101 1.52 5.24 25.17
CA LEU C 101 2.17 5.23 23.86
C LEU C 101 2.41 3.80 23.33
N LEU C 102 2.93 2.90 24.20
CA LEU C 102 3.15 1.50 23.82
C LEU C 102 1.84 0.81 23.45
N LEU C 103 0.75 1.10 24.20
CA LEU C 103 -0.57 0.55 23.92
C LEU C 103 -1.05 1.05 22.55
N GLY C 104 -0.79 2.33 22.25
CA GLY C 104 -1.13 2.94 20.96
C GLY C 104 -0.44 2.23 19.82
N VAL C 105 0.86 1.95 20.00
CA VAL C 105 1.64 1.25 18.98
C VAL C 105 1.10 -0.17 18.82
N TYR C 106 0.87 -0.85 19.94
CA TYR C 106 0.37 -2.22 19.95
C TYR C 106 -1.00 -2.36 19.25
N GLU C 107 -1.99 -1.53 19.62
CA GLU C 107 -3.32 -1.62 18.98
C GLU C 107 -3.28 -1.25 17.50
N ASN C 108 -2.30 -0.42 17.11
CA ASN C 108 -2.10 0.00 15.73
C ASN C 108 -0.90 -0.72 15.09
N ARG C 109 -0.62 -1.95 15.54
CA ARG C 109 0.51 -2.75 15.06
C ARG C 109 0.49 -3.09 13.58
N ARG C 110 -0.66 -2.97 12.90
CA ARG C 110 -0.74 -3.25 11.46
C ARG C 110 -0.30 -2.08 10.60
N VAL C 111 -0.23 -0.86 11.19
CA VAL C 111 0.29 0.34 10.50
C VAL C 111 1.79 0.04 10.22
N ASN C 112 2.26 0.35 9.01
CA ASN C 112 3.63 0.01 8.63
C ASN C 112 4.59 1.19 8.34
N ASN C 113 4.24 2.41 8.77
CA ASN C 113 5.12 3.57 8.58
C ASN C 113 4.89 4.66 9.60
N LYS C 114 5.98 5.35 9.99
CA LYS C 114 6.01 6.42 10.97
C LYS C 114 4.94 7.47 10.78
N THR C 115 4.84 8.05 9.56
CA THR C 115 3.84 9.09 9.33
C THR C 115 2.42 8.59 9.55
N LYS C 116 2.10 7.37 9.05
CA LYS C 116 0.75 6.79 9.25
C LYS C 116 0.50 6.38 10.71
N LEU C 117 1.59 6.07 11.46
CA LEU C 117 1.49 5.75 12.89
C LEU C 117 1.16 7.02 13.67
N LEU C 118 1.86 8.14 13.38
CA LEU C 118 1.60 9.43 14.04
C LEU C 118 0.17 9.90 13.86
N GLU C 119 -0.45 9.59 12.70
CA GLU C 119 -1.85 9.92 12.44
C GLU C 119 -2.80 9.22 13.44
N ARG C 120 -2.38 8.07 14.03
CA ARG C 120 -3.22 7.35 15.00
C ARG C 120 -2.96 7.78 16.43
N LEU C 121 -1.87 8.52 16.64
CA LEU C 121 -1.46 8.95 17.98
C LEU C 121 -1.82 10.41 18.26
N ASN C 122 -1.67 10.83 19.51
CA ASN C 122 -2.01 12.17 19.94
C ASN C 122 -0.79 13.05 20.20
N SER C 123 -0.03 13.32 19.11
CA SER C 123 1.17 14.15 19.13
C SER C 123 2.21 13.82 20.22
N PRO C 124 2.70 12.56 20.35
CA PRO C 124 3.76 12.30 21.35
C PRO C 124 5.07 12.94 20.88
N PRO C 125 6.04 13.27 21.77
CA PRO C 125 7.34 13.77 21.28
C PRO C 125 7.90 12.74 20.30
N GLU C 126 8.27 13.20 19.10
CA GLU C 126 8.80 12.35 18.02
C GLU C 126 9.93 11.39 18.43
N ILE C 127 10.85 11.83 19.32
CA ILE C 127 11.97 11.02 19.81
C ILE C 127 11.48 9.70 20.42
N LEU C 128 10.32 9.73 21.10
CA LEU C 128 9.74 8.53 21.73
C LEU C 128 9.29 7.55 20.67
N VAL C 129 8.63 8.04 19.59
CA VAL C 129 8.17 7.19 18.49
C VAL C 129 9.39 6.58 17.78
N ASP C 130 10.42 7.41 17.53
CA ASP C 130 11.66 6.95 16.88
C ASP C 130 12.33 5.82 17.69
N GLY C 131 12.36 5.96 19.02
CA GLY C 131 12.92 4.96 19.92
C GLY C 131 12.18 3.64 19.86
N ILE C 132 10.83 3.71 19.80
CA ILE C 132 9.98 2.52 19.71
C ILE C 132 10.17 1.80 18.37
N LEU C 133 10.19 2.57 17.25
CA LEU C 133 10.41 1.98 15.93
C LEU C 133 11.78 1.31 15.83
N SER C 134 12.82 1.92 16.44
CA SER C 134 14.19 1.39 16.44
CA SER C 134 14.19 1.39 16.44
C SER C 134 14.30 0.11 17.26
N ARG C 135 13.59 0.01 18.39
CA ARG C 135 13.73 -1.15 19.27
C ARG C 135 12.63 -2.21 19.31
N PHE C 136 11.44 -1.92 18.76
CA PHE C 136 10.31 -2.85 18.82
C PHE C 136 9.73 -3.23 17.46
N THR C 137 10.42 -2.89 16.37
CA THR C 137 9.92 -3.21 15.02
C THR C 137 11.04 -3.75 14.14
N VAL C 138 10.67 -4.29 12.97
CA VAL C 138 11.63 -4.74 11.98
C VAL C 138 11.56 -3.65 10.92
N ILE C 139 12.55 -2.75 10.90
CA ILE C 139 12.64 -1.62 9.96
C ILE C 139 12.86 -2.13 8.53
N LYS C 140 12.14 -1.57 7.53
CA LYS C 140 12.29 -1.94 6.11
C LYS C 140 13.65 -1.45 5.63
N PRO C 141 14.37 -2.21 4.76
CA PRO C 141 15.72 -1.77 4.33
C PRO C 141 15.71 -0.48 3.52
N GLY C 142 16.86 0.20 3.53
CA GLY C 142 17.06 1.47 2.84
C GLY C 142 16.96 2.66 3.77
N ASP C 149 10.47 9.49 8.14
CA ASP C 149 9.33 8.67 7.72
C ASP C 149 9.77 7.28 7.24
N ARG C 150 10.26 6.45 8.19
CA ARG C 150 10.72 5.10 7.87
C ARG C 150 9.61 4.05 7.88
N SER C 151 9.71 3.07 6.96
CA SER C 151 8.78 1.95 6.86
C SER C 151 9.29 0.81 7.74
N TYR C 152 8.37 0.05 8.35
CA TYR C 152 8.68 -1.02 9.29
C TYR C 152 7.57 -2.09 9.37
N PHE C 153 7.80 -3.15 10.18
CA PHE C 153 6.85 -4.25 10.41
C PHE C 153 6.95 -4.74 11.86
N ILE C 154 5.78 -5.01 12.49
CA ILE C 154 5.77 -5.57 13.84
C ILE C 154 5.46 -7.07 13.72
N ASP C 155 6.50 -7.90 13.88
CA ASP C 155 6.39 -9.35 13.78
C ASP C 155 5.96 -9.98 15.13
N PRO C 156 5.62 -11.30 15.22
CA PRO C 156 5.18 -11.85 16.52
C PRO C 156 6.16 -11.67 17.69
N GLN C 157 7.49 -11.76 17.44
CA GLN C 157 8.48 -11.55 18.51
C GLN C 157 8.40 -10.11 19.00
N ASN C 158 8.25 -9.12 18.08
CA ASN C 158 8.10 -7.69 18.43
C ASN C 158 6.82 -7.49 19.24
N GLU C 159 5.73 -8.19 18.88
CA GLU C 159 4.46 -8.08 19.63
C GLU C 159 4.69 -8.48 21.09
N ASP C 160 5.42 -9.59 21.33
CA ASP C 160 5.71 -10.06 22.68
C ASP C 160 6.59 -9.08 23.44
N LYS C 161 7.57 -8.46 22.74
CA LYS C 161 8.47 -7.47 23.33
C LYS C 161 7.70 -6.24 23.81
N ILE C 162 6.84 -5.65 22.96
CA ILE C 162 6.00 -4.49 23.34
C ILE C 162 5.17 -4.87 24.57
N LEU C 163 4.51 -6.06 24.52
CA LEU C 163 3.69 -6.53 25.65
C LEU C 163 4.47 -6.70 26.94
N CYS C 164 5.71 -7.25 26.87
CA CYS C 164 6.54 -7.41 28.07
C CYS C 164 6.94 -6.09 28.69
N TYR C 165 7.21 -5.05 27.84
CA TYR C 165 7.55 -3.72 28.34
C TYR C 165 6.31 -3.08 28.98
N ILE C 166 5.12 -3.29 28.38
CA ILE C 166 3.85 -2.82 28.93
C ILE C 166 3.65 -3.46 30.33
N LEU C 167 3.81 -4.80 30.42
CA LEU C 167 3.63 -5.53 31.68
C LEU C 167 4.63 -5.14 32.74
N ALA C 168 5.89 -4.85 32.34
CA ALA C 168 6.93 -4.40 33.28
C ALA C 168 6.52 -3.05 33.88
N ILE C 169 5.94 -2.13 33.04
CA ILE C 169 5.45 -0.83 33.53
C ILE C 169 4.31 -1.04 34.49
N ILE C 170 3.34 -1.90 34.12
CA ILE C 170 2.17 -2.21 34.96
C ILE C 170 2.59 -2.68 36.37
N MSE C 171 3.64 -3.52 36.43
CA MSE C 171 4.18 -4.03 37.68
CA MSE C 171 4.18 -4.02 37.69
C MSE C 171 4.64 -2.86 38.57
O MSE C 171 4.35 -2.86 39.77
CB MSE C 171 5.31 -5.03 37.43
CB MSE C 171 5.29 -5.04 37.46
CG MSE C 171 4.78 -6.42 37.16
CG MSE C 171 4.74 -6.37 36.98
SE MSE C 171 4.32 -7.29 38.89
SE MSE C 171 5.82 -7.92 37.30
CE MSE C 171 4.13 -9.05 38.28
CE MSE C 171 4.42 -9.02 38.17
N HIS C 172 5.31 -1.86 37.98
CA HIS C 172 5.75 -0.67 38.75
C HIS C 172 4.51 0.10 39.25
N LEU C 173 3.54 0.30 38.37
CA LEU C 173 2.33 1.06 38.69
C LEU C 173 1.40 0.41 39.68
N ASP C 174 1.33 -0.94 39.67
CA ASP C 174 0.44 -1.68 40.56
C ASP C 174 1.17 -2.18 41.81
N ASN C 175 2.37 -1.62 42.07
CA ASN C 175 3.22 -2.00 43.21
C ASN C 175 3.50 -3.52 43.29
N PHE C 176 3.78 -4.11 42.12
CA PHE C 176 4.19 -5.50 41.92
C PHE C 176 3.16 -6.57 42.33
N ILE C 177 1.88 -6.24 42.28
CA ILE C 177 0.77 -7.15 42.53
C ILE C 177 -0.26 -6.86 41.46
N VAL C 178 -0.36 -7.72 40.45
CA VAL C 178 -1.22 -7.47 39.28
C VAL C 178 -2.31 -8.54 39.11
N GLU C 179 -3.57 -8.10 38.94
CA GLU C 179 -4.68 -9.01 38.64
C GLU C 179 -4.64 -9.29 37.13
N ILE C 180 -4.57 -10.56 36.73
CA ILE C 180 -4.49 -11.00 35.33
C ILE C 180 -5.78 -10.70 34.53
N THR C 181 -6.93 -11.17 35.04
CA THR C 181 -8.23 -11.04 34.35
C THR C 181 -8.58 -9.62 33.85
N PRO C 182 -8.64 -8.56 34.70
CA PRO C 182 -8.92 -7.21 34.18
C PRO C 182 -7.93 -6.77 33.09
N LEU C 183 -6.64 -7.12 33.26
CA LEU C 183 -5.59 -6.79 32.32
C LEU C 183 -5.78 -7.51 30.98
N ALA C 184 -6.19 -8.80 31.02
CA ALA C 184 -6.43 -9.61 29.82
C ALA C 184 -7.52 -8.96 28.96
N HIS C 185 -8.58 -8.43 29.63
CA HIS C 185 -9.70 -7.77 28.96
CA HIS C 185 -9.69 -7.77 28.97
C HIS C 185 -9.22 -6.50 28.24
N GLU C 186 -8.37 -5.69 28.89
CA GLU C 186 -7.80 -4.46 28.33
C GLU C 186 -7.06 -4.74 27.00
N LEU C 187 -5.94 -5.50 27.06
CA LEU C 187 -5.10 -5.85 25.92
C LEU C 187 -5.75 -6.75 24.87
N ASN C 188 -7.00 -7.22 25.15
CA ASN C 188 -7.74 -8.13 24.29
CA ASN C 188 -7.74 -8.13 24.29
C ASN C 188 -6.91 -9.38 24.00
N LEU C 189 -6.39 -9.96 25.09
CA LEU C 189 -5.57 -11.16 25.06
C LEU C 189 -6.24 -12.20 25.93
N LYS C 190 -6.02 -13.47 25.60
CA LYS C 190 -6.51 -14.56 26.42
C LYS C 190 -5.76 -14.46 27.76
N PRO C 191 -6.42 -14.68 28.93
CA PRO C 191 -5.70 -14.62 30.21
C PRO C 191 -4.43 -15.48 30.20
N SER C 192 -4.45 -16.66 29.50
CA SER C 192 -3.31 -17.58 29.39
C SER C 192 -2.09 -16.89 28.71
N LYS C 193 -2.36 -15.96 27.76
CA LYS C 193 -1.28 -15.21 27.11
C LYS C 193 -0.67 -14.19 28.08
N VAL C 194 -1.50 -13.51 28.88
CA VAL C 194 -0.99 -12.55 29.89
C VAL C 194 -0.14 -13.30 30.94
N VAL C 195 -0.63 -14.49 31.38
CA VAL C 195 0.08 -15.37 32.31
C VAL C 195 1.46 -15.76 31.73
N SER C 196 1.46 -16.19 30.46
CA SER C 196 2.67 -16.60 29.74
C SER C 196 3.72 -15.48 29.68
N LEU C 197 3.28 -14.25 29.34
CA LEU C 197 4.18 -13.10 29.24
C LEU C 197 4.74 -12.71 30.60
N PHE C 198 3.91 -12.77 31.65
CA PHE C 198 4.41 -12.47 33.00
C PHE C 198 5.49 -13.49 33.42
N ARG C 199 5.34 -14.76 33.00
CA ARG C 199 6.32 -15.80 33.29
C ARG C 199 7.61 -15.60 32.51
N VAL C 200 7.51 -15.04 31.28
CA VAL C 200 8.68 -14.68 30.46
C VAL C 200 9.49 -13.58 31.23
N LEU C 201 8.76 -12.67 31.90
CA LEU C 201 9.35 -11.59 32.74
C LEU C 201 9.91 -12.11 34.08
N GLY C 202 9.63 -13.36 34.43
CA GLY C 202 10.11 -13.92 35.69
C GLY C 202 9.21 -13.60 36.87
N ALA C 203 7.99 -13.08 36.59
CA ALA C 203 6.99 -12.82 37.62
C ALA C 203 6.41 -14.17 38.05
N ILE C 204 5.89 -14.23 39.28
CA ILE C 204 5.24 -15.43 39.83
C ILE C 204 3.75 -15.27 39.57
N VAL C 205 3.14 -16.22 38.89
CA VAL C 205 1.70 -16.21 38.59
C VAL C 205 1.06 -17.42 39.22
N LYS C 206 0.06 -17.17 40.06
CA LYS C 206 -0.68 -18.22 40.75
C LYS C 206 -2.07 -17.68 41.10
N GLY C 207 -2.96 -18.57 41.54
CA GLY C 207 -4.29 -18.20 41.98
C GLY C 207 -4.22 -17.29 43.20
N ALA C 208 -5.17 -16.37 43.33
CA ALA C 208 -5.20 -15.42 44.44
C ALA C 208 -5.32 -16.13 45.76
N THR C 209 -4.59 -15.63 46.78
CA THR C 209 -4.68 -16.16 48.16
C THR C 209 -5.95 -15.54 48.74
N VAL C 210 -6.41 -16.05 49.90
CA VAL C 210 -7.62 -15.55 50.58
C VAL C 210 -7.50 -14.03 50.85
N ALA C 211 -6.33 -13.59 51.37
CA ALA C 211 -6.01 -12.19 51.67
C ALA C 211 -5.99 -11.29 50.43
N GLN C 212 -5.55 -11.83 49.28
CA GLN C 212 -5.53 -11.11 48.01
C GLN C 212 -6.94 -10.95 47.45
N ALA C 213 -7.75 -12.03 47.57
CA ALA C 213 -9.14 -12.07 47.11
C ALA C 213 -9.99 -11.01 47.82
N GLU C 214 -9.75 -10.84 49.14
CA GLU C 214 -10.42 -9.87 50.00
C GLU C 214 -10.06 -8.44 49.56
N ALA C 215 -8.76 -8.20 49.29
CA ALA C 215 -8.23 -6.92 48.84
C ALA C 215 -8.75 -6.50 47.46
N PHE C 216 -8.83 -7.46 46.52
CA PHE C 216 -9.28 -7.17 45.15
C PHE C 216 -10.79 -7.21 44.97
N GLY C 217 -11.51 -7.68 45.97
CA GLY C 217 -12.96 -7.75 45.94
C GLY C 217 -13.50 -8.79 44.96
N ILE C 218 -12.94 -10.01 45.02
CA ILE C 218 -13.35 -11.13 44.18
C ILE C 218 -13.90 -12.26 45.06
N PRO C 219 -14.90 -13.07 44.60
CA PRO C 219 -15.45 -14.13 45.46
C PRO C 219 -14.41 -15.10 46.00
N LYS C 220 -14.45 -15.37 47.32
CA LYS C 220 -13.52 -16.27 48.03
C LYS C 220 -13.44 -17.67 47.43
N SER C 221 -14.57 -18.17 46.90
CA SER C 221 -14.69 -19.49 46.27
C SER C 221 -13.97 -19.55 44.92
N THR C 222 -13.93 -18.43 44.19
CA THR C 222 -13.30 -18.31 42.87
C THR C 222 -11.83 -17.85 42.95
N ALA C 223 -11.30 -17.65 44.19
CA ALA C 223 -9.95 -17.15 44.44
C ALA C 223 -8.84 -17.85 43.64
N ALA C 224 -8.79 -19.21 43.70
CA ALA C 224 -7.79 -20.03 43.01
C ALA C 224 -7.80 -19.89 41.48
N SER C 225 -8.95 -19.54 40.89
CA SER C 225 -9.09 -19.37 39.44
C SER C 225 -8.79 -17.94 38.98
N TYR C 226 -8.72 -17.00 39.92
CA TYR C 226 -8.43 -15.60 39.59
C TYR C 226 -6.93 -15.42 39.74
N LYS C 227 -6.21 -15.37 38.62
CA LYS C 227 -4.74 -15.32 38.64
C LYS C 227 -4.13 -13.98 38.99
N ILE C 228 -3.06 -14.00 39.81
CA ILE C 228 -2.35 -12.83 40.28
C ILE C 228 -0.86 -12.93 39.93
N ALA C 229 -0.30 -11.85 39.37
CA ALA C 229 1.12 -11.83 39.07
C ALA C 229 1.85 -10.99 40.12
N THR C 230 2.93 -11.53 40.68
CA THR C 230 3.75 -10.85 41.68
C THR C 230 5.24 -10.95 41.31
N MSE C 231 6.06 -10.05 41.85
CA MSE C 231 7.51 -10.07 41.69
C MSE C 231 8.10 -9.86 43.06
O MSE C 231 7.58 -9.04 43.83
CB MSE C 231 8.05 -9.01 40.74
CG MSE C 231 7.63 -9.23 39.33
SE MSE C 231 8.71 -8.18 38.17
CE MSE C 231 10.11 -9.48 38.05
N LYS C 232 9.18 -10.57 43.37
CA LYS C 232 9.82 -10.49 44.68
C LYS C 232 11.32 -10.62 44.55
N VAL C 233 12.06 -10.07 45.52
CA VAL C 233 13.51 -10.21 45.59
C VAL C 233 13.84 -11.22 46.66
N PRO C 234 14.84 -12.12 46.48
CA PRO C 234 15.73 -12.25 45.31
C PRO C 234 14.99 -12.76 44.07
N PHE C 235 15.31 -12.18 42.91
CA PHE C 235 14.72 -12.57 41.64
C PHE C 235 15.20 -14.01 41.29
N LYS C 236 14.34 -14.81 40.67
CA LYS C 236 14.57 -16.22 40.29
C LYS C 236 15.82 -16.35 39.42
N LEU C 237 16.58 -17.43 39.59
CA LEU C 237 17.79 -17.69 38.79
C LEU C 237 17.54 -18.58 37.56
N ASN D 18 -26.37 -8.59 22.60
CA ASN D 18 -25.12 -7.99 23.03
C ASN D 18 -25.37 -6.72 23.86
N ASP D 19 -24.42 -6.40 24.75
CA ASP D 19 -24.48 -5.17 25.54
C ASP D 19 -23.52 -4.11 24.95
N ARG D 20 -23.02 -4.37 23.73
CA ARG D 20 -22.08 -3.54 22.97
C ARG D 20 -22.62 -2.15 22.64
N PRO D 21 -21.86 -1.08 22.96
CA PRO D 21 -22.33 0.29 22.63
C PRO D 21 -22.18 0.64 21.15
N THR D 22 -21.32 -0.10 20.39
CA THR D 22 -21.09 0.22 18.98
C THR D 22 -21.68 -0.82 18.04
N PRO D 23 -21.87 -0.52 16.75
CA PRO D 23 -22.21 -1.59 15.79
C PRO D 23 -20.97 -2.51 15.68
N LEU D 24 -21.15 -3.74 15.18
CA LEU D 24 -20.04 -4.69 15.03
C LEU D 24 -19.03 -4.27 13.95
N ALA D 25 -17.79 -3.99 14.34
CA ALA D 25 -16.79 -3.56 13.35
C ALA D 25 -16.21 -4.71 12.58
N ASN D 26 -15.83 -4.49 11.29
CA ASN D 26 -15.12 -5.50 10.51
C ASN D 26 -13.66 -5.09 10.63
N ILE D 27 -12.92 -5.70 11.56
CA ILE D 27 -11.51 -5.43 11.84
C ILE D 27 -10.63 -5.66 10.60
N ASP D 28 -11.08 -6.52 9.69
CA ASP D 28 -10.32 -6.84 8.47
C ASP D 28 -10.66 -6.00 7.25
N ALA D 29 -11.47 -4.93 7.42
CA ALA D 29 -11.85 -4.01 6.34
C ALA D 29 -10.62 -3.47 5.64
N THR D 30 -10.67 -3.44 4.28
CA THR D 30 -9.57 -2.92 3.45
C THR D 30 -9.89 -1.53 2.93
N ASP D 31 -11.14 -1.09 3.19
CA ASP D 31 -11.62 0.25 2.87
CA ASP D 31 -11.67 0.22 2.83
C ASP D 31 -12.42 0.78 4.04
N VAL D 32 -12.25 2.08 4.34
CA VAL D 32 -12.90 2.73 5.48
C VAL D 32 -14.42 2.51 5.54
N GLU D 33 -15.06 2.47 4.36
CA GLU D 33 -16.50 2.28 4.20
C GLU D 33 -16.95 0.89 4.70
N GLN D 34 -16.01 -0.07 4.79
CA GLN D 34 -16.31 -1.43 5.26
C GLN D 34 -16.05 -1.69 6.72
N ILE D 35 -15.53 -0.69 7.49
CA ILE D 35 -15.30 -0.90 8.95
C ILE D 35 -16.66 -1.13 9.63
N TYR D 36 -17.61 -0.22 9.39
CA TYR D 36 -18.98 -0.38 9.90
C TYR D 36 -19.89 -0.42 8.66
N PRO D 37 -20.02 -1.60 8.01
CA PRO D 37 -20.88 -1.68 6.81
C PRO D 37 -22.35 -1.48 7.22
N ILE D 38 -23.20 -1.15 6.24
CA ILE D 38 -24.62 -0.91 6.50
C ILE D 38 -25.29 -2.02 7.31
N GLU D 39 -24.96 -3.28 7.01
CA GLU D 39 -25.53 -4.44 7.70
C GLU D 39 -25.15 -4.53 9.19
N SER D 40 -24.05 -3.87 9.62
CA SER D 40 -23.73 -3.85 11.05
C SER D 40 -24.55 -2.76 11.76
N ILE D 41 -24.92 -1.69 11.03
CA ILE D 41 -25.70 -0.58 11.58
C ILE D 41 -27.21 -0.93 11.58
N ILE D 42 -27.70 -1.56 10.51
CA ILE D 42 -29.10 -1.94 10.37
C ILE D 42 -29.13 -3.43 9.97
N PRO D 43 -29.70 -4.32 10.81
CA PRO D 43 -29.73 -5.76 10.45
C PRO D 43 -30.48 -5.96 9.16
N LYS D 44 -29.99 -6.92 8.33
CA LYS D 44 -30.53 -7.25 7.01
C LYS D 44 -32.06 -7.38 6.97
N LYS D 45 -32.65 -8.03 7.99
CA LYS D 45 -34.10 -8.23 8.10
C LYS D 45 -34.86 -6.89 8.16
N GLU D 46 -34.31 -5.87 8.84
CA GLU D 46 -34.94 -4.54 8.94
C GLU D 46 -34.53 -3.64 7.75
N LEU D 47 -33.29 -3.79 7.25
CA LEU D 47 -32.76 -3.01 6.14
C LEU D 47 -33.59 -3.11 4.87
N GLN D 48 -34.14 -4.32 4.59
CA GLN D 48 -34.98 -4.57 3.41
C GLN D 48 -36.23 -3.68 3.41
N PHE D 49 -36.63 -3.13 4.59
CA PHE D 49 -37.81 -2.24 4.73
C PHE D 49 -37.49 -0.75 4.50
N ILE D 50 -36.19 -0.43 4.34
CA ILE D 50 -35.77 0.96 4.08
C ILE D 50 -35.66 1.01 2.55
N ARG D 51 -36.77 1.28 1.88
CA ARG D 51 -36.82 1.24 0.42
C ARG D 51 -36.76 2.66 -0.12
N VAL D 52 -35.55 3.08 -0.52
CA VAL D 52 -35.30 4.46 -0.88
C VAL D 52 -35.48 4.83 -2.35
N SER D 53 -35.87 3.85 -3.21
CA SER D 53 -36.13 4.11 -4.64
C SER D 53 -37.15 5.25 -4.80
N SER D 54 -38.21 5.25 -3.97
CA SER D 54 -39.24 6.29 -3.95
C SER D 54 -38.68 7.68 -3.67
N ILE D 55 -37.68 7.80 -2.77
CA ILE D 55 -37.02 9.09 -2.47
C ILE D 55 -36.26 9.58 -3.72
N LEU D 56 -35.47 8.70 -4.36
CA LEU D 56 -34.70 9.03 -5.57
C LEU D 56 -35.60 9.46 -6.71
N LYS D 57 -36.73 8.74 -6.89
CA LYS D 57 -37.70 8.96 -7.96
C LYS D 57 -38.60 10.16 -7.76
N GLU D 58 -38.78 10.62 -6.49
CA GLU D 58 -39.61 11.79 -6.16
C GLU D 58 -38.89 13.07 -6.61
N ALA D 59 -39.40 13.73 -7.69
CA ALA D 59 -38.81 14.94 -8.28
C ALA D 59 -38.89 16.17 -7.39
N ASP D 60 -40.03 16.35 -6.70
CA ASP D 60 -40.26 17.53 -5.86
C ASP D 60 -39.43 17.41 -4.57
N LYS D 61 -38.51 18.37 -4.37
CA LYS D 61 -37.60 18.43 -3.22
C LYS D 61 -38.33 18.43 -1.86
N GLU D 62 -39.46 19.17 -1.75
CA GLU D 62 -40.23 19.20 -0.52
C GLU D 62 -40.81 17.84 -0.25
N LYS D 63 -41.41 17.20 -1.27
CA LYS D 63 -42.00 15.86 -1.13
C LYS D 63 -40.92 14.82 -0.80
N LYS D 64 -39.69 14.98 -1.33
CA LYS D 64 -38.55 14.07 -1.06
C LYS D 64 -38.27 14.06 0.46
N LEU D 65 -38.19 15.26 1.05
CA LEU D 65 -37.91 15.43 2.47
C LEU D 65 -39.04 14.94 3.38
N GLU D 66 -40.29 15.06 2.89
CA GLU D 66 -41.47 14.64 3.63
C GLU D 66 -41.49 13.12 3.82
N LEU D 67 -40.72 12.35 3.01
CA LEU D 67 -40.67 10.87 3.10
C LEU D 67 -39.83 10.41 4.28
N PHE D 68 -39.04 11.34 4.87
CA PHE D 68 -38.16 11.04 6.00
C PHE D 68 -38.91 10.75 7.30
N PRO D 69 -38.38 9.85 8.14
CA PRO D 69 -39.15 9.42 9.32
C PRO D 69 -39.25 10.37 10.49
N TYR D 70 -38.48 11.47 10.47
CA TYR D 70 -38.49 12.47 11.53
C TYR D 70 -38.40 13.84 10.93
N GLN D 71 -39.35 14.70 11.35
CA GLN D 71 -39.59 16.03 10.79
C GLN D 71 -39.31 17.22 11.71
N ASN D 72 -39.02 16.99 13.02
CA ASN D 72 -38.67 18.12 13.89
C ASN D 72 -37.21 18.50 13.88
N ASN D 73 -36.35 17.71 13.20
CA ASN D 73 -34.95 18.05 12.98
C ASN D 73 -34.50 17.46 11.64
N SER D 74 -34.47 18.29 10.58
CA SER D 74 -34.17 17.81 9.24
C SER D 74 -33.12 18.63 8.46
N LYS D 75 -32.42 19.55 9.14
CA LYS D 75 -31.41 20.39 8.49
C LYS D 75 -30.27 19.54 7.92
N TYR D 76 -29.74 18.57 8.70
CA TYR D 76 -28.66 17.69 8.22
C TYR D 76 -29.18 16.77 7.09
N VAL D 77 -30.37 16.20 7.25
CA VAL D 77 -30.98 15.34 6.24
C VAL D 77 -31.15 16.13 4.92
N ALA D 78 -31.74 17.36 5.00
CA ALA D 78 -31.99 18.21 3.82
C ALA D 78 -30.68 18.52 3.07
N LYS D 79 -29.61 18.81 3.83
CA LYS D 79 -28.30 19.17 3.31
C LYS D 79 -27.69 17.98 2.57
N LYS D 80 -27.67 16.79 3.20
CA LYS D 80 -27.13 15.56 2.60
C LYS D 80 -27.91 15.14 1.39
N LEU D 81 -29.26 15.25 1.46
CA LEU D 81 -30.20 14.89 0.39
C LEU D 81 -29.89 15.50 -0.97
N ASP D 82 -29.33 16.74 -1.02
CA ASP D 82 -28.94 17.45 -2.25
C ASP D 82 -27.83 16.73 -3.01
N SER D 83 -26.95 15.99 -2.31
CA SER D 83 -25.84 15.29 -2.97
C SER D 83 -26.09 13.78 -3.17
N LEU D 84 -27.17 13.21 -2.58
CA LEU D 84 -27.50 11.77 -2.72
C LEU D 84 -28.72 11.64 -3.67
N THR D 85 -28.45 11.65 -4.98
CA THR D 85 -29.48 11.65 -6.05
C THR D 85 -29.36 10.49 -7.03
N GLN D 86 -28.23 9.76 -6.98
CA GLN D 86 -28.00 8.66 -7.94
C GLN D 86 -28.23 7.27 -7.35
N PRO D 87 -28.64 6.27 -8.18
CA PRO D 87 -28.86 4.90 -7.67
C PRO D 87 -27.65 4.27 -6.98
N SER D 88 -26.41 4.65 -7.39
CA SER D 88 -25.19 4.13 -6.75
C SER D 88 -25.03 4.60 -5.29
N GLN D 89 -25.80 5.62 -4.90
CA GLN D 89 -25.80 6.20 -3.54
C GLN D 89 -26.95 5.69 -2.66
N MSE D 90 -27.62 4.59 -3.08
CA MSE D 90 -28.74 3.94 -2.38
CA MSE D 90 -28.73 4.02 -2.35
C MSE D 90 -28.40 3.61 -0.93
O MSE D 90 -29.19 3.89 -0.04
CB MSE D 90 -29.22 2.67 -3.13
CB MSE D 90 -29.44 2.91 -3.13
CG MSE D 90 -30.56 2.14 -2.61
CG MSE D 90 -30.38 3.52 -4.15
SE MSE D 90 -30.95 0.24 -2.96
SE MSE D 90 -31.20 2.34 -5.44
CE MSE D 90 -29.51 -0.57 -1.96
CE MSE D 90 -32.33 1.30 -4.18
N THR D 91 -27.25 2.98 -0.70
CA THR D 91 -26.77 2.58 0.62
C THR D 91 -26.67 3.80 1.56
N LYS D 92 -26.05 4.89 1.09
CA LYS D 92 -25.92 6.13 1.87
C LYS D 92 -27.29 6.72 2.17
N LEU D 93 -28.22 6.64 1.19
CA LEU D 93 -29.57 7.17 1.37
C LEU D 93 -30.35 6.35 2.40
N GLN D 94 -30.13 5.02 2.42
CA GLN D 94 -30.76 4.14 3.41
C GLN D 94 -30.27 4.51 4.81
N MSE D 95 -28.97 4.82 4.90
CA MSE D 95 -28.35 5.23 6.15
C MSE D 95 -28.84 6.58 6.62
O MSE D 95 -29.04 6.75 7.83
CB MSE D 95 -26.82 5.22 6.05
CG MSE D 95 -26.28 3.82 6.19
SE MSE D 95 -24.37 3.92 6.37
CE MSE D 95 -23.93 4.25 4.44
N LEU D 96 -29.05 7.53 5.70
CA LEU D 96 -29.57 8.85 6.01
C LEU D 96 -30.98 8.71 6.57
N TYR D 97 -31.79 7.83 5.93
CA TYR D 97 -33.16 7.57 6.38
C TYR D 97 -33.12 7.04 7.85
N TYR D 98 -32.24 6.08 8.11
CA TYR D 98 -32.14 5.50 9.45
C TYR D 98 -31.60 6.50 10.47
N LEU D 99 -30.68 7.38 10.05
CA LEU D 99 -30.12 8.43 10.92
C LEU D 99 -31.25 9.34 11.38
N SER D 100 -32.13 9.74 10.45
CA SER D 100 -33.28 10.60 10.70
C SER D 100 -34.13 9.96 11.83
N LEU D 101 -34.41 8.66 11.70
CA LEU D 101 -35.19 7.90 12.68
C LEU D 101 -34.50 7.86 14.04
N LEU D 102 -33.18 7.54 14.07
CA LEU D 102 -32.41 7.49 15.32
C LEU D 102 -32.40 8.85 16.01
N LEU D 103 -32.26 9.94 15.21
CA LEU D 103 -32.29 11.30 15.73
C LEU D 103 -33.65 11.60 16.34
N GLY D 104 -34.72 11.14 15.68
CA GLY D 104 -36.09 11.28 16.18
C GLY D 104 -36.25 10.59 17.53
N VAL D 105 -35.72 9.35 17.64
CA VAL D 105 -35.80 8.60 18.91
C VAL D 105 -34.96 9.32 19.98
N TYR D 106 -33.74 9.74 19.62
CA TYR D 106 -32.83 10.42 20.55
C TYR D 106 -33.40 11.72 21.12
N GLU D 107 -33.89 12.62 20.24
CA GLU D 107 -34.47 13.89 20.70
C GLU D 107 -35.73 13.67 21.54
N ASN D 108 -36.45 12.56 21.29
CA ASN D 108 -37.67 12.22 22.01
C ASN D 108 -37.43 11.05 22.98
N ARG D 109 -36.19 10.94 23.52
CA ARG D 109 -35.79 9.86 24.44
C ARG D 109 -36.55 9.82 25.77
N ARG D 110 -37.27 10.89 26.12
CA ARG D 110 -38.06 10.91 27.36
C ARG D 110 -39.43 10.28 27.20
N VAL D 111 -39.87 10.07 25.95
CA VAL D 111 -41.12 9.38 25.65
C VAL D 111 -40.92 7.91 26.11
N ASN D 112 -41.94 7.32 26.77
CA ASN D 112 -41.78 5.98 27.33
C ASN D 112 -42.75 4.90 26.83
N ASN D 113 -43.47 5.16 25.75
CA ASN D 113 -44.33 4.14 25.15
C ASN D 113 -44.39 4.27 23.62
N LYS D 114 -44.48 3.11 22.94
CA LYS D 114 -44.43 3.01 21.48
C LYS D 114 -45.46 3.93 20.80
N THR D 115 -46.74 3.91 21.26
CA THR D 115 -47.78 4.76 20.65
CA THR D 115 -47.80 4.75 20.67
C THR D 115 -47.40 6.24 20.73
N LYS D 116 -46.94 6.71 21.92
CA LYS D 116 -46.53 8.11 22.07
C LYS D 116 -45.30 8.45 21.25
N LEU D 117 -44.39 7.48 21.08
CA LEU D 117 -43.20 7.67 20.24
C LEU D 117 -43.61 7.86 18.78
N LEU D 118 -44.50 7.00 18.26
CA LEU D 118 -44.98 7.11 16.87
C LEU D 118 -45.65 8.46 16.59
N GLU D 119 -46.30 9.05 17.60
CA GLU D 119 -46.92 10.38 17.45
C GLU D 119 -45.86 11.47 17.17
N ARG D 120 -44.59 11.25 17.58
CA ARG D 120 -43.53 12.23 17.36
C ARG D 120 -42.81 12.00 16.03
N LEU D 121 -43.06 10.85 15.38
CA LEU D 121 -42.37 10.44 14.15
C LEU D 121 -43.26 10.58 12.93
N ASN D 122 -42.70 10.38 11.76
CA ASN D 122 -43.41 10.57 10.50
C ASN D 122 -43.64 9.25 9.74
N SER D 123 -44.42 8.36 10.36
CA SER D 123 -44.78 7.06 9.77
C SER D 123 -43.59 6.18 9.27
N PRO D 124 -42.55 5.94 10.10
CA PRO D 124 -41.50 5.00 9.64
C PRO D 124 -42.06 3.56 9.57
N PRO D 125 -41.49 2.62 8.78
CA PRO D 125 -41.95 1.23 8.83
C PRO D 125 -41.85 0.77 10.29
N GLU D 126 -42.96 0.24 10.83
CA GLU D 126 -43.06 -0.19 12.22
C GLU D 126 -41.92 -1.11 12.69
N ILE D 127 -41.46 -2.04 11.81
CA ILE D 127 -40.36 -2.95 12.11
C ILE D 127 -39.09 -2.22 12.58
N LEU D 128 -38.82 -1.03 12.00
CA LEU D 128 -37.66 -0.23 12.39
C LEU D 128 -37.81 0.29 13.81
N VAL D 129 -39.03 0.77 14.19
CA VAL D 129 -39.28 1.26 15.55
C VAL D 129 -39.18 0.06 16.54
N ASP D 130 -39.78 -1.10 16.17
CA ASP D 130 -39.72 -2.30 17.01
C ASP D 130 -38.28 -2.77 17.24
N GLY D 131 -37.43 -2.68 16.20
CA GLY D 131 -36.02 -3.05 16.26
C GLY D 131 -35.25 -2.13 17.19
N ILE D 132 -35.54 -0.81 17.16
CA ILE D 132 -34.91 0.17 18.03
C ILE D 132 -35.32 -0.07 19.49
N LEU D 133 -36.62 -0.30 19.75
CA LEU D 133 -37.10 -0.60 21.11
C LEU D 133 -36.48 -1.90 21.66
N SER D 134 -36.30 -2.91 20.80
N SER D 134 -36.30 -2.91 20.80
CA SER D 134 -35.72 -4.20 21.19
CA SER D 134 -35.71 -4.20 21.19
C SER D 134 -34.23 -4.09 21.52
C SER D 134 -34.23 -4.09 21.52
N ARG D 135 -33.47 -3.25 20.77
CA ARG D 135 -32.01 -3.15 20.93
C ARG D 135 -31.40 -1.92 21.61
N PHE D 136 -32.17 -0.84 21.75
CA PHE D 136 -31.65 0.41 22.31
C PHE D 136 -32.45 0.90 23.53
N THR D 137 -33.30 0.05 24.12
CA THR D 137 -34.09 0.47 25.28
C THR D 137 -34.19 -0.65 26.33
N VAL D 138 -34.68 -0.30 27.51
CA VAL D 138 -34.93 -1.27 28.58
C VAL D 138 -36.48 -1.43 28.62
N ILE D 139 -36.99 -2.67 28.41
CA ILE D 139 -38.44 -2.88 28.46
C ILE D 139 -38.97 -2.57 29.86
N LYS D 140 -40.15 -2.00 29.92
CA LYS D 140 -40.79 -1.64 31.19
C LYS D 140 -42.20 -2.17 31.19
N PRO D 141 -42.79 -2.42 32.37
CA PRO D 141 -44.18 -2.89 32.40
C PRO D 141 -45.17 -1.82 31.95
N GLY D 142 -46.21 -2.26 31.23
CA GLY D 142 -47.27 -1.39 30.73
C GLY D 142 -48.06 -0.83 31.90
N GLN D 143 -48.54 0.42 31.78
CA GLN D 143 -49.30 1.10 32.85
C GLN D 143 -50.60 0.34 33.17
N PHE D 144 -50.98 0.28 34.45
CA PHE D 144 -52.24 -0.38 34.83
C PHE D 144 -53.39 0.27 34.04
N GLY D 145 -54.27 -0.57 33.49
CA GLY D 145 -55.41 -0.09 32.72
C GLY D 145 -55.10 0.31 31.30
N ARG D 146 -53.87 0.02 30.84
CA ARG D 146 -53.44 0.34 29.47
C ARG D 146 -52.86 -0.96 28.87
N SER D 147 -53.74 -1.94 28.62
CA SER D 147 -53.36 -3.26 28.10
C SER D 147 -52.59 -3.22 26.80
N LYS D 148 -52.90 -2.26 25.91
CA LYS D 148 -52.23 -2.13 24.62
C LYS D 148 -50.91 -1.33 24.70
N ASP D 149 -50.51 -0.87 25.89
CA ASP D 149 -49.28 -0.08 25.98
C ASP D 149 -47.99 -0.92 25.95
N ARG D 150 -47.09 -0.58 25.00
CA ARG D 150 -45.78 -1.17 24.83
C ARG D 150 -44.80 -0.11 25.39
N SER D 151 -44.30 -0.37 26.61
CA SER D 151 -43.52 0.58 27.39
C SER D 151 -42.06 0.30 27.47
N TYR D 152 -41.27 1.36 27.63
CA TYR D 152 -39.81 1.22 27.66
C TYR D 152 -39.12 2.40 28.35
N PHE D 153 -37.81 2.27 28.54
CA PHE D 153 -37.00 3.33 29.12
C PHE D 153 -35.64 3.39 28.43
N ILE D 154 -35.19 4.62 28.13
CA ILE D 154 -33.86 4.82 27.53
C ILE D 154 -32.95 5.28 28.66
N ASP D 155 -32.09 4.37 29.15
CA ASP D 155 -31.15 4.66 30.24
C ASP D 155 -29.83 5.29 29.68
N PRO D 156 -28.89 5.80 30.52
CA PRO D 156 -27.68 6.42 29.95
C PRO D 156 -26.86 5.55 29.01
N GLN D 157 -26.75 4.24 29.29
CA GLN D 157 -26.02 3.30 28.40
C GLN D 157 -26.69 3.21 27.04
N ASN D 158 -28.04 3.17 27.02
CA ASN D 158 -28.83 3.14 25.77
C ASN D 158 -28.64 4.45 25.00
N GLU D 159 -28.54 5.59 25.73
CA GLU D 159 -28.32 6.91 25.07
C GLU D 159 -26.97 6.87 24.31
N ASP D 160 -25.92 6.30 24.94
CA ASP D 160 -24.60 6.15 24.29
C ASP D 160 -24.64 5.24 23.08
N LYS D 161 -25.40 4.13 23.18
CA LYS D 161 -25.55 3.21 22.07
C LYS D 161 -26.23 3.89 20.84
N ILE D 162 -27.38 4.59 21.05
CA ILE D 162 -28.07 5.32 19.97
C ILE D 162 -27.07 6.32 19.35
N LEU D 163 -26.34 7.07 20.20
CA LEU D 163 -25.37 8.05 19.70
C LEU D 163 -24.24 7.41 18.90
N CYS D 164 -23.72 6.24 19.33
CA CYS D 164 -22.66 5.58 18.55
C CYS D 164 -23.15 5.14 17.15
N TYR D 165 -24.41 4.70 17.04
CA TYR D 165 -24.97 4.28 15.74
C TYR D 165 -25.17 5.53 14.87
N ILE D 166 -25.63 6.64 15.49
CA ILE D 166 -25.78 7.93 14.79
C ILE D 166 -24.40 8.39 14.26
N LEU D 167 -23.38 8.37 15.13
CA LEU D 167 -22.03 8.80 14.74
C LEU D 167 -21.42 7.93 13.66
N ALA D 168 -21.68 6.60 13.70
CA ALA D 168 -21.17 5.66 12.67
C ALA D 168 -21.75 6.06 11.31
N ILE D 169 -23.05 6.42 11.29
CA ILE D 169 -23.73 6.88 10.08
C ILE D 169 -23.12 8.20 9.59
N ILE D 170 -22.93 9.17 10.51
CA ILE D 170 -22.37 10.48 10.19
C ILE D 170 -20.98 10.36 9.52
N MSE D 171 -20.16 9.41 9.99
CA MSE D 171 -18.82 9.14 9.41
C MSE D 171 -18.94 8.78 7.93
O MSE D 171 -18.19 9.30 7.10
CB MSE D 171 -18.12 7.99 10.13
CG MSE D 171 -17.22 8.45 11.21
SE MSE D 171 -15.66 9.35 10.48
CE MSE D 171 -14.89 9.59 12.19
N HIS D 172 -19.93 7.91 7.62
CA HIS D 172 -20.18 7.52 6.23
C HIS D 172 -20.64 8.76 5.43
N LEU D 173 -21.60 9.51 5.97
CA LEU D 173 -22.19 10.63 5.24
C LEU D 173 -21.28 11.84 5.07
N ASP D 174 -20.33 12.06 6.01
CA ASP D 174 -19.36 13.15 5.94
C ASP D 174 -18.04 12.72 5.30
N ASN D 175 -18.04 11.55 4.64
CA ASN D 175 -16.86 10.99 3.95
C ASN D 175 -15.64 10.85 4.86
N PHE D 176 -15.88 10.37 6.08
CA PHE D 176 -14.89 10.01 7.08
C PHE D 176 -14.03 11.15 7.64
N ILE D 177 -14.55 12.40 7.53
CA ILE D 177 -13.90 13.60 8.10
C ILE D 177 -15.02 14.37 8.78
N VAL D 178 -15.07 14.31 10.12
CA VAL D 178 -16.14 14.94 10.89
C VAL D 178 -15.58 16.04 11.79
N GLU D 179 -16.15 17.26 11.70
CA GLU D 179 -15.75 18.37 12.59
C GLU D 179 -16.61 18.19 13.84
N ILE D 180 -15.98 17.99 15.01
CA ILE D 180 -16.63 17.72 16.28
C ILE D 180 -17.54 18.86 16.77
N THR D 181 -16.97 20.09 16.85
CA THR D 181 -17.68 21.28 17.39
C THR D 181 -19.09 21.51 16.82
N PRO D 182 -19.27 21.76 15.51
CA PRO D 182 -20.64 21.92 14.99
C PRO D 182 -21.54 20.75 15.36
N LEU D 183 -21.04 19.46 15.25
CA LEU D 183 -21.81 18.26 15.60
C LEU D 183 -22.26 18.23 17.07
N ALA D 184 -21.35 18.52 18.02
CA ALA D 184 -21.63 18.57 19.45
C ALA D 184 -22.79 19.55 19.75
N HIS D 185 -22.76 20.73 19.08
CA HIS D 185 -23.78 21.77 19.20
CA HIS D 185 -23.78 21.77 19.20
C HIS D 185 -25.13 21.27 18.68
N GLU D 186 -25.15 20.55 17.49
CA GLU D 186 -26.41 20.02 16.94
C GLU D 186 -27.06 19.00 17.87
N LEU D 187 -26.27 18.06 18.43
CA LEU D 187 -26.75 17.01 19.31
C LEU D 187 -26.98 17.48 20.76
N ASN D 188 -26.65 18.73 21.07
CA ASN D 188 -26.73 19.32 22.41
C ASN D 188 -25.86 18.52 23.41
N LEU D 189 -24.62 18.21 22.98
CA LEU D 189 -23.65 17.46 23.78
C LEU D 189 -22.40 18.30 23.93
N LYS D 190 -21.66 18.05 25.01
CA LYS D 190 -20.37 18.72 25.20
C LYS D 190 -19.45 18.12 24.12
N PRO D 191 -18.59 18.94 23.47
CA PRO D 191 -17.65 18.38 22.48
C PRO D 191 -16.86 17.18 23.00
N SER D 192 -16.47 17.18 24.31
CA SER D 192 -15.74 16.09 24.96
C SER D 192 -16.53 14.77 24.92
N LYS D 193 -17.86 14.85 24.96
CA LYS D 193 -18.73 13.68 24.87
C LYS D 193 -18.72 13.10 23.45
N VAL D 194 -18.79 13.99 22.42
CA VAL D 194 -18.76 13.54 21.02
C VAL D 194 -17.39 12.89 20.74
N VAL D 195 -16.31 13.50 21.25
CA VAL D 195 -14.93 12.99 21.13
C VAL D 195 -14.87 11.57 21.75
N SER D 196 -15.40 11.42 22.98
CA SER D 196 -15.42 10.16 23.70
C SER D 196 -16.13 9.05 22.91
N LEU D 197 -17.31 9.35 22.37
CA LEU D 197 -18.09 8.38 21.61
C LEU D 197 -17.40 7.99 20.31
N PHE D 198 -16.76 8.96 19.63
CA PHE D 198 -16.00 8.62 18.42
C PHE D 198 -14.82 7.67 18.75
N ARG D 199 -14.20 7.88 19.92
CA ARG D 199 -13.10 7.01 20.36
C ARG D 199 -13.59 5.62 20.73
N VAL D 200 -14.81 5.50 21.29
CA VAL D 200 -15.46 4.21 21.60
C VAL D 200 -15.63 3.45 20.24
N LEU D 201 -15.97 4.18 19.16
CA LEU D 201 -16.11 3.62 17.81
C LEU D 201 -14.75 3.26 17.14
N GLY D 202 -13.65 3.68 17.74
CA GLY D 202 -12.33 3.42 17.14
C GLY D 202 -11.93 4.46 16.10
N ALA D 203 -12.65 5.59 16.04
CA ALA D 203 -12.28 6.70 15.14
C ALA D 203 -11.09 7.40 15.77
N ILE D 204 -10.30 8.09 14.93
CA ILE D 204 -9.14 8.85 15.38
C ILE D 204 -9.59 10.29 15.56
N VAL D 205 -9.42 10.82 16.78
CA VAL D 205 -9.82 12.20 17.09
C VAL D 205 -8.59 12.96 17.48
N LYS D 206 -8.30 14.02 16.74
CA LYS D 206 -7.16 14.87 17.00
C LYS D 206 -7.54 16.30 16.70
N GLY D 207 -6.73 17.21 17.18
CA GLY D 207 -6.90 18.63 16.87
C GLY D 207 -6.63 18.85 15.40
N ALA D 208 -7.29 19.86 14.81
CA ALA D 208 -7.09 20.20 13.41
C ALA D 208 -5.61 20.59 13.15
N THR D 209 -5.08 20.19 11.98
CA THR D 209 -3.73 20.56 11.55
C THR D 209 -3.85 22.00 11.01
N VAL D 210 -2.72 22.68 10.78
CA VAL D 210 -2.69 24.05 10.23
C VAL D 210 -3.49 24.15 8.91
N ALA D 211 -3.24 23.21 7.98
CA ALA D 211 -3.92 23.11 6.68
C ALA D 211 -5.43 22.92 6.86
N GLN D 212 -5.84 22.02 7.79
CA GLN D 212 -7.26 21.78 8.08
C GLN D 212 -7.94 23.03 8.63
N ALA D 213 -7.25 23.77 9.53
CA ALA D 213 -7.74 25.02 10.14
C ALA D 213 -7.99 26.10 9.08
N GLU D 214 -7.12 26.16 8.04
CA GLU D 214 -7.23 27.07 6.90
C GLU D 214 -8.45 26.69 6.05
N ALA D 215 -8.64 25.37 5.78
CA ALA D 215 -9.75 24.83 5.01
C ALA D 215 -11.10 25.03 5.65
N PHE D 216 -11.18 24.84 7.00
CA PHE D 216 -12.44 24.98 7.72
C PHE D 216 -12.78 26.41 8.14
N GLY D 217 -11.81 27.31 8.00
CA GLY D 217 -11.97 28.72 8.35
C GLY D 217 -12.08 28.96 9.84
N ILE D 218 -11.15 28.38 10.60
CA ILE D 218 -11.07 28.53 12.06
C ILE D 218 -9.72 29.15 12.45
N PRO D 219 -9.63 29.96 13.53
CA PRO D 219 -8.32 30.58 13.88
C PRO D 219 -7.18 29.59 14.03
N LYS D 220 -6.03 29.88 13.38
CA LYS D 220 -4.81 29.05 13.38
C LYS D 220 -4.30 28.73 14.78
N SER D 221 -4.45 29.68 15.73
CA SER D 221 -4.03 29.56 17.13
C SER D 221 -4.89 28.56 17.91
N THR D 222 -6.17 28.47 17.57
CA THR D 222 -7.11 27.56 18.24
C THR D 222 -7.32 26.23 17.47
N ALA D 223 -6.46 25.96 16.45
CA ALA D 223 -6.50 24.74 15.62
C ALA D 223 -6.48 23.43 16.43
N ALA D 224 -5.52 23.30 17.38
CA ALA D 224 -5.36 22.12 18.25
C ALA D 224 -6.57 21.83 19.12
N SER D 225 -7.37 22.84 19.46
CA SER D 225 -8.58 22.69 20.28
C SER D 225 -9.82 22.35 19.44
N TYR D 226 -9.73 22.49 18.09
CA TYR D 226 -10.83 22.20 17.17
C TYR D 226 -10.70 20.74 16.72
N LYS D 227 -11.45 19.85 17.35
CA LYS D 227 -11.28 18.44 17.10
C LYS D 227 -11.90 17.93 15.81
N ILE D 228 -11.17 17.03 15.11
CA ILE D 228 -11.62 16.40 13.87
C ILE D 228 -11.61 14.87 14.04
N ALA D 229 -12.72 14.20 13.69
CA ALA D 229 -12.78 12.73 13.79
C ALA D 229 -12.60 12.15 12.40
N THR D 230 -11.73 11.13 12.31
CA THR D 230 -11.46 10.42 11.05
CA THR D 230 -11.48 10.42 11.06
C THR D 230 -11.41 8.91 11.29
N MSE D 231 -11.52 8.15 10.22
CA MSE D 231 -11.39 6.70 10.26
C MSE D 231 -10.41 6.34 9.15
O MSE D 231 -10.38 6.99 8.09
CB MSE D 231 -12.71 5.99 10.10
CG MSE D 231 -13.63 6.18 11.30
SE MSE D 231 -14.98 4.76 11.47
CE MSE D 231 -13.87 3.55 12.42
N LYS D 232 -9.55 5.35 9.45
CA LYS D 232 -8.50 4.88 8.55
C LYS D 232 -8.33 3.37 8.66
N VAL D 233 -7.89 2.75 7.56
CA VAL D 233 -7.60 1.31 7.54
C VAL D 233 -6.06 1.18 7.49
N PRO D 234 -5.44 0.20 8.19
CA PRO D 234 -6.06 -0.83 9.05
C PRO D 234 -6.72 -0.25 10.30
N PHE D 235 -7.90 -0.75 10.63
CA PHE D 235 -8.63 -0.37 11.82
C PHE D 235 -7.86 -0.83 13.05
N LYS D 236 -8.01 -0.09 14.17
CA LYS D 236 -7.31 -0.46 15.42
C LYS D 236 -7.72 -1.89 15.84
N LEU D 237 -6.83 -2.60 16.53
CA LEU D 237 -7.09 -3.96 17.03
C LEU D 237 -7.47 -3.96 18.52
N ASN E 18 -25.33 21.17 -40.05
CA ASN E 18 -25.51 22.28 -39.11
C ASN E 18 -24.18 22.70 -38.49
N ASP E 19 -23.91 24.03 -38.47
CA ASP E 19 -22.68 24.61 -37.95
C ASP E 19 -22.77 25.22 -36.52
N ARG E 20 -23.79 24.79 -35.74
CA ARG E 20 -23.95 25.24 -34.36
C ARG E 20 -22.93 24.53 -33.45
N PRO E 21 -22.30 25.24 -32.49
CA PRO E 21 -21.31 24.59 -31.61
C PRO E 21 -21.89 23.68 -30.54
N THR E 22 -23.17 23.85 -30.21
CA THR E 22 -23.78 23.03 -29.16
C THR E 22 -24.75 21.99 -29.74
N PRO E 23 -25.11 20.92 -29.00
CA PRO E 23 -26.24 20.10 -29.45
C PRO E 23 -27.50 20.98 -29.48
N LEU E 24 -28.54 20.57 -30.23
CA LEU E 24 -29.78 21.32 -30.33
C LEU E 24 -30.53 21.34 -28.98
N ALA E 25 -30.67 22.52 -28.37
CA ALA E 25 -31.37 22.61 -27.10
C ALA E 25 -32.90 22.53 -27.28
N ASN E 26 -33.60 21.93 -26.30
CA ASN E 26 -35.06 21.92 -26.30
C ASN E 26 -35.43 23.12 -25.43
N ILE E 27 -35.77 24.24 -26.07
CA ILE E 27 -36.13 25.50 -25.40
C ILE E 27 -37.35 25.36 -24.51
N ASP E 28 -38.22 24.35 -24.78
CA ASP E 28 -39.41 24.10 -23.98
C ASP E 28 -39.24 23.08 -22.84
N ALA E 29 -37.98 22.69 -22.53
CA ALA E 29 -37.69 21.79 -21.42
C ALA E 29 -38.25 22.35 -20.09
N THR E 30 -38.87 21.49 -19.27
CA THR E 30 -39.45 21.89 -17.97
C THR E 30 -38.55 21.41 -16.82
N ASP E 31 -37.52 20.66 -17.20
CA ASP E 31 -36.52 20.13 -16.29
CA ASP E 31 -36.52 20.11 -16.29
C ASP E 31 -35.17 20.27 -16.97
N VAL E 32 -34.09 20.49 -16.20
CA VAL E 32 -32.74 20.68 -16.76
C VAL E 32 -32.27 19.48 -17.64
N GLU E 33 -32.68 18.26 -17.24
CA GLU E 33 -32.33 17.01 -17.89
CA GLU E 33 -32.32 17.00 -17.90
C GLU E 33 -32.77 16.99 -19.36
N GLN E 34 -33.84 17.69 -19.69
CA GLN E 34 -34.40 17.76 -21.03
C GLN E 34 -33.91 18.91 -21.92
N ILE E 35 -33.03 19.79 -21.40
CA ILE E 35 -32.50 20.90 -22.22
C ILE E 35 -31.70 20.30 -23.37
N TYR E 36 -30.76 19.38 -23.07
CA TYR E 36 -30.00 18.68 -24.11
C TYR E 36 -30.35 17.20 -23.97
N PRO E 37 -31.49 16.73 -24.51
CA PRO E 37 -31.83 15.32 -24.35
C PRO E 37 -30.84 14.43 -25.09
N ILE E 38 -30.73 13.16 -24.65
CA ILE E 38 -29.79 12.19 -25.23
C ILE E 38 -29.81 12.20 -26.76
N GLU E 39 -31.04 12.29 -27.38
CA GLU E 39 -31.24 12.32 -28.84
CA GLU E 39 -31.30 12.35 -28.83
C GLU E 39 -30.53 13.49 -29.51
N SER E 40 -30.39 14.63 -28.82
CA SER E 40 -29.69 15.78 -29.41
C SER E 40 -28.17 15.56 -29.38
N ILE E 41 -27.65 14.78 -28.40
CA ILE E 41 -26.21 14.52 -28.24
C ILE E 41 -25.76 13.33 -29.11
N ILE E 42 -26.54 12.23 -29.08
CA ILE E 42 -26.29 11.00 -29.83
C ILE E 42 -27.58 10.65 -30.57
N PRO E 43 -27.62 10.73 -31.93
CA PRO E 43 -28.87 10.38 -32.64
C PRO E 43 -29.30 8.95 -32.30
N LYS E 44 -30.61 8.74 -32.10
CA LYS E 44 -31.21 7.42 -31.77
C LYS E 44 -30.68 6.29 -32.67
N LYS E 45 -30.54 6.55 -33.97
CA LYS E 45 -30.05 5.62 -34.98
C LYS E 45 -28.64 5.13 -34.64
N GLU E 46 -27.79 6.02 -34.08
CA GLU E 46 -26.42 5.66 -33.70
C GLU E 46 -26.36 5.06 -32.31
N LEU E 47 -27.11 5.67 -31.36
CA LEU E 47 -27.21 5.27 -29.94
C LEU E 47 -27.49 3.77 -29.77
N GLN E 48 -28.45 3.23 -30.54
CA GLN E 48 -28.82 1.82 -30.46
C GLN E 48 -27.63 0.85 -30.70
N PHE E 49 -26.50 1.33 -31.32
CA PHE E 49 -25.30 0.52 -31.58
C PHE E 49 -24.30 0.53 -30.41
N ILE E 50 -24.56 1.35 -29.38
CA ILE E 50 -23.70 1.39 -28.20
C ILE E 50 -24.22 0.29 -27.26
N ARG E 51 -23.56 -0.87 -27.32
CA ARG E 51 -23.93 -2.02 -26.52
C ARG E 51 -23.00 -2.09 -25.34
N VAL E 52 -23.55 -1.78 -24.15
CA VAL E 52 -22.81 -1.74 -22.89
C VAL E 52 -23.03 -2.94 -21.96
N SER E 53 -23.84 -3.95 -22.39
CA SER E 53 -24.12 -5.16 -21.60
CA SER E 53 -24.12 -5.17 -21.61
C SER E 53 -22.82 -5.83 -21.15
N SER E 54 -21.84 -5.95 -22.06
CA SER E 54 -20.53 -6.54 -21.79
C SER E 54 -19.80 -5.84 -20.67
N ILE E 55 -19.91 -4.48 -20.59
CA ILE E 55 -19.27 -3.68 -19.54
C ILE E 55 -19.90 -4.01 -18.18
N LEU E 56 -21.24 -4.04 -18.12
CA LEU E 56 -21.99 -4.37 -16.91
C LEU E 56 -21.67 -5.77 -16.40
N LYS E 57 -21.61 -6.75 -17.32
CA LYS E 57 -21.34 -8.16 -17.02
C LYS E 57 -19.89 -8.43 -16.57
N GLU E 58 -18.93 -7.60 -17.00
CA GLU E 58 -17.53 -7.77 -16.61
C GLU E 58 -17.32 -7.25 -15.17
N ALA E 59 -16.81 -8.10 -14.27
CA ALA E 59 -16.61 -7.74 -12.86
C ALA E 59 -15.32 -6.96 -12.55
N ASP E 60 -14.21 -7.29 -13.23
CA ASP E 60 -12.89 -6.65 -13.05
C ASP E 60 -12.88 -5.24 -13.68
N LYS E 61 -12.59 -4.19 -12.88
CA LYS E 61 -12.54 -2.79 -13.32
C LYS E 61 -11.53 -2.53 -14.46
N GLU E 62 -10.34 -3.14 -14.42
CA GLU E 62 -9.36 -2.96 -15.51
C GLU E 62 -9.90 -3.56 -16.82
N LYS E 63 -10.55 -4.73 -16.72
CA LYS E 63 -11.14 -5.37 -17.89
C LYS E 63 -12.35 -4.55 -18.39
N LYS E 64 -13.11 -3.92 -17.45
CA LYS E 64 -14.23 -3.04 -17.80
C LYS E 64 -13.71 -1.92 -18.71
N LEU E 65 -12.64 -1.24 -18.26
CA LEU E 65 -12.02 -0.13 -18.98
C LEU E 65 -11.49 -0.50 -20.35
N GLU E 66 -11.00 -1.75 -20.51
CA GLU E 66 -10.51 -2.27 -21.79
C GLU E 66 -11.65 -2.41 -22.82
N LEU E 67 -12.91 -2.46 -22.36
CA LEU E 67 -14.06 -2.55 -23.28
C LEU E 67 -14.46 -1.18 -23.85
N PHE E 68 -13.94 -0.09 -23.28
CA PHE E 68 -14.25 1.26 -23.75
C PHE E 68 -13.62 1.57 -25.13
N PRO E 69 -14.19 2.52 -25.91
CA PRO E 69 -13.66 2.78 -27.26
C PRO E 69 -12.31 3.50 -27.33
N TYR E 70 -11.83 4.04 -26.21
CA TYR E 70 -10.56 4.75 -26.15
C TYR E 70 -9.88 4.50 -24.80
N GLN E 71 -8.58 4.26 -24.80
CA GLN E 71 -7.86 4.04 -23.55
C GLN E 71 -6.78 5.10 -23.31
N ASN E 72 -7.01 6.00 -22.36
CA ASN E 72 -6.02 7.05 -22.04
C ASN E 72 -5.88 7.22 -20.52
N ASN E 73 -6.34 6.22 -19.74
CA ASN E 73 -6.34 6.26 -18.27
C ASN E 73 -7.14 7.49 -17.76
N SER E 74 -8.20 7.91 -18.50
CA SER E 74 -9.01 9.08 -18.12
C SER E 74 -9.45 8.97 -16.66
N LYS E 75 -9.13 9.98 -15.87
CA LYS E 75 -9.49 10.07 -14.46
C LYS E 75 -11.00 10.17 -14.35
N TYR E 76 -11.61 10.96 -15.25
CA TYR E 76 -13.06 11.14 -15.27
C TYR E 76 -13.80 9.83 -15.56
N VAL E 77 -13.43 9.13 -16.65
CA VAL E 77 -14.09 7.89 -17.06
C VAL E 77 -14.04 6.83 -15.95
N ALA E 78 -12.85 6.61 -15.35
CA ALA E 78 -12.63 5.63 -14.28
C ALA E 78 -13.49 5.93 -13.06
N LYS E 79 -13.55 7.21 -12.62
CA LYS E 79 -14.39 7.61 -11.48
C LYS E 79 -15.88 7.36 -11.77
N LYS E 80 -16.40 7.89 -12.92
CA LYS E 80 -17.82 7.74 -13.28
C LYS E 80 -18.26 6.31 -13.46
N LEU E 81 -17.37 5.46 -14.04
CA LEU E 81 -17.65 4.04 -14.24
C LEU E 81 -18.06 3.33 -12.94
N ASP E 82 -17.43 3.67 -11.79
CA ASP E 82 -17.73 3.08 -10.47
C ASP E 82 -19.18 3.27 -10.02
N SER E 83 -19.88 4.29 -10.55
CA SER E 83 -21.27 4.56 -10.18
C SER E 83 -22.29 3.93 -11.14
N LEU E 84 -21.85 3.41 -12.28
CA LEU E 84 -22.71 2.82 -13.30
C LEU E 84 -22.55 1.31 -13.35
N THR E 85 -23.27 0.59 -12.45
CA THR E 85 -23.13 -0.85 -12.28
C THR E 85 -24.41 -1.68 -12.50
N GLN E 86 -25.58 -1.03 -12.43
CA GLN E 86 -26.86 -1.72 -12.58
C GLN E 86 -27.50 -1.56 -13.97
N PRO E 87 -28.31 -2.55 -14.44
CA PRO E 87 -28.96 -2.42 -15.76
C PRO E 87 -29.85 -1.19 -15.94
N SER E 88 -30.39 -0.62 -14.83
CA SER E 88 -31.23 0.58 -14.88
C SER E 88 -30.41 1.83 -15.28
N GLN E 89 -29.06 1.75 -15.17
CA GLN E 89 -28.17 2.85 -15.51
C GLN E 89 -27.51 2.68 -16.89
N MSE E 90 -28.10 1.81 -17.76
CA MSE E 90 -27.62 1.53 -19.12
CA MSE E 90 -27.56 1.56 -19.09
C MSE E 90 -27.42 2.82 -19.94
O MSE E 90 -26.41 2.96 -20.63
CB MSE E 90 -28.56 0.55 -19.87
CB MSE E 90 -28.29 0.44 -19.82
CG MSE E 90 -27.96 -0.01 -21.18
CG MSE E 90 -27.87 -0.95 -19.35
SE MSE E 90 -29.22 -0.83 -22.46
SE MSE E 90 -26.79 -1.99 -20.59
CE MSE E 90 -29.82 -2.34 -21.34
CE MSE E 90 -28.15 -2.43 -21.88
N THR E 91 -28.43 3.72 -19.91
CA THR E 91 -28.40 4.98 -20.68
C THR E 91 -27.18 5.83 -20.32
N LYS E 92 -26.93 6.01 -19.01
CA LYS E 92 -25.78 6.80 -18.55
C LYS E 92 -24.46 6.14 -18.95
N LEU E 93 -24.43 4.78 -18.92
CA LEU E 93 -23.25 4.01 -19.33
C LEU E 93 -23.00 4.17 -20.83
N GLN E 94 -24.07 4.22 -21.64
CA GLN E 94 -23.97 4.45 -23.09
C GLN E 94 -23.37 5.83 -23.33
N MSE E 95 -23.78 6.83 -22.54
CA MSE E 95 -23.27 8.19 -22.65
C MSE E 95 -21.80 8.27 -22.25
O MSE E 95 -21.02 9.00 -22.88
CB MSE E 95 -24.12 9.17 -21.83
CG MSE E 95 -25.40 9.59 -22.53
SE MSE E 95 -26.44 10.93 -21.43
CE MSE E 95 -27.17 9.88 -20.26
N LEU E 96 -21.41 7.50 -21.20
CA LEU E 96 -20.02 7.46 -20.74
C LEU E 96 -19.13 6.81 -21.84
N TYR E 97 -19.66 5.73 -22.50
CA TYR E 97 -18.97 5.05 -23.58
C TYR E 97 -18.75 6.08 -24.71
N TYR E 98 -19.79 6.88 -25.07
CA TYR E 98 -19.68 7.89 -26.12
C TYR E 98 -18.70 8.99 -25.75
N LEU E 99 -18.69 9.40 -24.46
CA LEU E 99 -17.74 10.42 -23.98
C LEU E 99 -16.30 9.94 -24.21
N SER E 100 -16.03 8.66 -23.88
CA SER E 100 -14.71 8.06 -24.09
C SER E 100 -14.29 8.16 -25.57
N LEU E 101 -15.23 7.86 -26.48
CA LEU E 101 -15.00 7.96 -27.92
C LEU E 101 -14.71 9.41 -28.34
N LEU E 102 -15.53 10.39 -27.86
CA LEU E 102 -15.31 11.81 -28.15
C LEU E 102 -13.95 12.29 -27.63
N LEU E 103 -13.55 11.83 -26.44
CA LEU E 103 -12.22 12.13 -25.89
C LEU E 103 -11.11 11.58 -26.78
N GLY E 104 -11.32 10.35 -27.30
CA GLY E 104 -10.40 9.71 -28.23
C GLY E 104 -10.24 10.54 -29.51
N VAL E 105 -11.37 11.01 -30.04
CA VAL E 105 -11.37 11.85 -31.25
C VAL E 105 -10.67 13.18 -30.94
N TYR E 106 -11.01 13.81 -29.81
CA TYR E 106 -10.43 15.09 -29.42
C TYR E 106 -8.91 15.02 -29.23
N GLU E 107 -8.40 14.04 -28.47
CA GLU E 107 -6.95 13.91 -28.26
C GLU E 107 -6.21 13.57 -29.55
N ASN E 108 -6.91 12.92 -30.51
CA ASN E 108 -6.34 12.55 -31.80
C ASN E 108 -6.93 13.41 -32.93
N ARG E 109 -7.27 14.67 -32.62
CA ARG E 109 -7.87 15.62 -33.57
C ARG E 109 -6.98 15.97 -34.78
N ARG E 110 -5.67 15.69 -34.72
CA ARG E 110 -4.78 15.94 -35.86
C ARG E 110 -4.77 14.83 -36.89
N VAL E 111 -5.32 13.65 -36.54
CA VAL E 111 -5.48 12.55 -37.48
C VAL E 111 -6.48 13.04 -38.57
N ASN E 112 -6.18 12.75 -39.86
CA ASN E 112 -6.99 13.27 -40.97
C ASN E 112 -7.73 12.25 -41.83
N ASN E 113 -7.80 10.99 -41.40
CA ASN E 113 -8.58 9.98 -42.10
C ASN E 113 -9.14 8.91 -41.17
N LYS E 114 -10.27 8.35 -41.56
CA LYS E 114 -10.99 7.34 -40.81
C LYS E 114 -10.15 6.12 -40.44
N THR E 115 -9.44 5.51 -41.41
CA THR E 115 -8.60 4.35 -41.17
C THR E 115 -7.56 4.63 -40.08
N LYS E 116 -6.87 5.77 -40.19
CA LYS E 116 -5.84 6.17 -39.22
C LYS E 116 -6.45 6.50 -37.87
N LEU E 117 -7.67 7.05 -37.85
CA LEU E 117 -8.37 7.34 -36.59
C LEU E 117 -8.68 6.05 -35.86
N LEU E 118 -9.23 5.04 -36.59
CA LEU E 118 -9.55 3.72 -36.00
C LEU E 118 -8.32 3.05 -35.37
N GLU E 119 -7.13 3.28 -35.94
CA GLU E 119 -5.88 2.73 -35.37
C GLU E 119 -5.59 3.31 -33.97
N ARG E 120 -6.15 4.49 -33.63
CA ARG E 120 -5.91 5.08 -32.30
C ARG E 120 -6.99 4.65 -31.30
N LEU E 121 -8.09 4.07 -31.80
CA LEU E 121 -9.25 3.71 -30.98
C LEU E 121 -9.34 2.23 -30.72
N ASN E 122 -10.28 1.81 -29.87
CA ASN E 122 -10.43 0.42 -29.48
C ASN E 122 -11.69 -0.23 -30.09
N SER E 123 -11.69 -0.34 -31.43
CA SER E 123 -12.75 -0.97 -32.23
C SER E 123 -14.18 -0.48 -31.91
N PRO E 124 -14.48 0.85 -31.90
CA PRO E 124 -15.86 1.25 -31.66
C PRO E 124 -16.74 0.85 -32.85
N PRO E 125 -18.07 0.68 -32.69
CA PRO E 125 -18.91 0.40 -33.86
C PRO E 125 -18.68 1.51 -34.88
N GLU E 126 -18.37 1.13 -36.11
CA GLU E 126 -18.06 2.04 -37.21
C GLU E 126 -19.06 3.17 -37.42
N ILE E 127 -20.37 2.88 -37.26
CA ILE E 127 -21.44 3.88 -37.41
C ILE E 127 -21.23 5.12 -36.49
N LEU E 128 -20.68 4.89 -35.28
CA LEU E 128 -20.39 5.97 -34.34
C LEU E 128 -19.30 6.89 -34.87
N VAL E 129 -18.22 6.29 -35.42
CA VAL E 129 -17.11 7.05 -35.99
C VAL E 129 -17.59 7.83 -37.22
N ASP E 130 -18.40 7.18 -38.09
CA ASP E 130 -18.96 7.83 -39.27
C ASP E 130 -19.82 9.04 -38.89
N GLY E 131 -20.62 8.91 -37.83
CA GLY E 131 -21.45 10.01 -37.33
C GLY E 131 -20.64 11.21 -36.87
N ILE E 132 -19.53 10.94 -36.17
CA ILE E 132 -18.61 11.97 -35.67
C ILE E 132 -17.90 12.69 -36.83
N LEU E 133 -17.42 11.92 -37.83
CA LEU E 133 -16.74 12.52 -38.99
C LEU E 133 -17.72 13.36 -39.83
N SER E 134 -18.98 12.93 -39.93
CA SER E 134 -19.94 13.71 -40.70
C SER E 134 -20.41 14.99 -39.97
N ARG E 135 -20.42 15.00 -38.63
CA ARG E 135 -20.90 16.16 -37.89
C ARG E 135 -19.88 17.05 -37.16
N PHE E 136 -18.65 16.57 -36.97
CA PHE E 136 -17.64 17.32 -36.22
C PHE E 136 -16.39 17.67 -37.02
N THR E 137 -16.47 17.69 -38.35
CA THR E 137 -15.34 18.02 -39.23
C THR E 137 -15.78 19.04 -40.29
N VAL E 138 -14.79 19.68 -40.97
CA VAL E 138 -15.02 20.67 -42.03
C VAL E 138 -15.68 20.03 -43.26
N ILE E 139 -16.68 20.73 -43.84
CA ILE E 139 -17.38 20.35 -45.07
C ILE E 139 -17.48 21.58 -45.99
N LYS E 140 -17.12 21.42 -47.28
CA LYS E 140 -17.19 22.47 -48.30
C LYS E 140 -18.24 22.14 -49.36
N ASP E 149 -12.90 6.17 -46.71
CA ASP E 149 -12.13 7.07 -45.86
C ASP E 149 -11.53 8.27 -46.63
N ARG E 150 -12.20 9.43 -46.58
CA ARG E 150 -11.76 10.68 -47.22
C ARG E 150 -10.99 11.56 -46.22
N SER E 151 -10.06 12.41 -46.70
CA SER E 151 -9.28 13.31 -45.86
C SER E 151 -10.16 14.35 -45.16
N TYR E 152 -10.20 14.33 -43.81
CA TYR E 152 -11.01 15.32 -43.11
C TYR E 152 -10.16 16.26 -42.27
N PHE E 153 -10.79 17.34 -41.79
CA PHE E 153 -10.08 18.25 -40.94
C PHE E 153 -10.93 18.72 -39.78
N ILE E 154 -10.35 18.73 -38.56
CA ILE E 154 -11.02 19.27 -37.37
C ILE E 154 -10.45 20.69 -37.13
N ASP E 155 -11.21 21.72 -37.51
CA ASP E 155 -10.82 23.13 -37.38
C ASP E 155 -11.17 23.69 -35.98
N PRO E 156 -10.75 24.94 -35.59
CA PRO E 156 -11.07 25.41 -34.23
C PRO E 156 -12.55 25.41 -33.84
N GLN E 157 -13.45 25.72 -34.80
CA GLN E 157 -14.91 25.69 -34.51
C GLN E 157 -15.35 24.27 -34.21
N ASN E 158 -14.83 23.27 -34.97
CA ASN E 158 -15.14 21.85 -34.75
C ASN E 158 -14.58 21.39 -33.40
N GLU E 159 -13.40 21.90 -32.97
CA GLU E 159 -12.82 21.56 -31.66
C GLU E 159 -13.78 22.00 -30.56
N ASP E 160 -14.37 23.24 -30.68
CA ASP E 160 -15.31 23.74 -29.69
C ASP E 160 -16.59 22.91 -29.69
N LYS E 161 -17.03 22.44 -30.87
CA LYS E 161 -18.23 21.61 -31.00
C LYS E 161 -18.03 20.29 -30.27
N ILE E 162 -16.89 19.64 -30.48
CA ILE E 162 -16.57 18.34 -29.84
C ILE E 162 -16.60 18.57 -28.34
N LEU E 163 -15.93 19.63 -27.87
CA LEU E 163 -15.86 19.98 -26.43
C LEU E 163 -17.24 20.28 -25.84
N CYS E 164 -18.12 20.99 -26.58
CA CYS E 164 -19.47 21.28 -26.08
C CYS E 164 -20.31 19.99 -25.92
N TYR E 165 -20.16 19.02 -26.84
CA TYR E 165 -20.85 17.73 -26.75
C TYR E 165 -20.31 16.94 -25.56
N ILE E 166 -18.98 16.99 -25.33
CA ILE E 166 -18.34 16.34 -24.17
C ILE E 166 -18.92 16.93 -22.87
N LEU E 167 -18.96 18.28 -22.78
CA LEU E 167 -19.47 18.98 -21.59
C LEU E 167 -20.94 18.72 -21.37
N ALA E 168 -21.75 18.62 -22.46
CA ALA E 168 -23.18 18.32 -22.37
C ALA E 168 -23.37 16.91 -21.76
N ILE E 169 -22.51 15.92 -22.15
CA ILE E 169 -22.56 14.56 -21.59
C ILE E 169 -22.21 14.61 -20.11
N ILE E 170 -21.13 15.36 -19.77
CA ILE E 170 -20.67 15.51 -18.38
C ILE E 170 -21.79 16.07 -17.47
N MSE E 171 -22.57 17.03 -18.00
CA MSE E 171 -23.70 17.61 -17.26
CA MSE E 171 -23.70 17.62 -17.26
C MSE E 171 -24.72 16.55 -16.92
O MSE E 171 -25.20 16.51 -15.80
CB MSE E 171 -24.33 18.77 -18.05
CB MSE E 171 -24.32 18.77 -18.06
CG MSE E 171 -23.55 20.05 -17.91
CG MSE E 171 -23.54 20.05 -17.94
SE MSE E 171 -24.56 21.58 -18.47
SE MSE E 171 -24.13 20.93 -16.26
CE MSE E 171 -24.57 21.34 -20.43
CE MSE E 171 -23.74 22.73 -16.74
N HIS E 172 -25.01 15.64 -17.87
CA HIS E 172 -25.94 14.54 -17.59
C HIS E 172 -25.36 13.62 -16.52
N LEU E 173 -24.06 13.25 -16.68
CA LEU E 173 -23.39 12.32 -15.76
C LEU E 173 -23.18 12.87 -14.35
N ASP E 174 -22.97 14.18 -14.21
CA ASP E 174 -22.72 14.82 -12.91
C ASP E 174 -23.99 15.44 -12.32
N ASN E 175 -25.16 15.06 -12.88
CA ASN E 175 -26.47 15.56 -12.45
C ASN E 175 -26.56 17.10 -12.43
N PHE E 176 -26.03 17.72 -13.49
CA PHE E 176 -26.11 19.17 -13.76
C PHE E 176 -25.43 20.11 -12.78
N ILE E 177 -24.45 19.59 -12.03
CA ILE E 177 -23.62 20.38 -11.11
C ILE E 177 -22.20 19.93 -11.43
N VAL E 178 -21.45 20.75 -12.17
CA VAL E 178 -20.13 20.37 -12.63
C VAL E 178 -19.03 21.23 -12.03
N GLU E 179 -18.00 20.57 -11.48
CA GLU E 179 -16.82 21.26 -10.94
C GLU E 179 -15.92 21.59 -12.15
N ILE E 180 -15.59 22.87 -12.32
CA ILE E 180 -14.76 23.38 -13.44
C ILE E 180 -13.31 22.87 -13.35
N THR E 181 -12.64 23.11 -12.21
CA THR E 181 -11.22 22.77 -12.01
C THR E 181 -10.82 21.32 -12.40
N PRO E 182 -11.48 20.23 -11.88
CA PRO E 182 -11.07 18.86 -12.28
C PRO E 182 -11.20 18.64 -13.78
N LEU E 183 -12.24 19.26 -14.33
CA LEU E 183 -12.52 19.13 -15.73
C LEU E 183 -11.47 19.82 -16.60
N ALA E 184 -10.94 21.00 -16.14
CA ALA E 184 -9.88 21.72 -16.85
C ALA E 184 -8.65 20.80 -16.94
N HIS E 185 -8.28 20.17 -15.81
CA HIS E 185 -7.16 19.23 -15.73
C HIS E 185 -7.34 18.04 -16.69
N GLU E 186 -8.53 17.44 -16.66
CA GLU E 186 -8.89 16.28 -17.48
C GLU E 186 -8.72 16.56 -18.99
N LEU E 187 -9.28 17.68 -19.49
CA LEU E 187 -9.25 18.04 -20.92
C LEU E 187 -7.98 18.82 -21.37
N ASN E 188 -7.13 19.19 -20.40
CA ASN E 188 -5.92 19.99 -20.59
C ASN E 188 -6.30 21.36 -21.20
N LEU E 189 -7.30 22.00 -20.58
CA LEU E 189 -7.78 23.32 -20.97
C LEU E 189 -7.64 24.28 -19.81
N LYS E 190 -7.46 25.54 -20.10
CA LYS E 190 -7.41 26.55 -19.03
C LYS E 190 -8.82 26.61 -18.41
N PRO E 191 -8.95 26.75 -17.07
CA PRO E 191 -10.31 26.84 -16.47
C PRO E 191 -11.20 27.90 -17.16
N SER E 192 -10.62 29.02 -17.64
CA SER E 192 -11.34 30.09 -18.33
C SER E 192 -11.97 29.57 -19.65
N LYS E 193 -11.30 28.60 -20.30
CA LYS E 193 -11.84 28.00 -21.53
C LYS E 193 -13.03 27.09 -21.19
N VAL E 194 -12.93 26.30 -20.12
CA VAL E 194 -14.06 25.44 -19.69
C VAL E 194 -15.26 26.32 -19.32
N VAL E 195 -15.01 27.42 -18.57
CA VAL E 195 -16.04 28.39 -18.17
C VAL E 195 -16.73 28.95 -19.45
N SER E 196 -15.90 29.37 -20.47
CA SER E 196 -16.41 29.93 -21.74
CA SER E 196 -16.44 29.93 -21.72
C SER E 196 -17.28 28.93 -22.52
N LEU E 197 -16.87 27.67 -22.59
CA LEU E 197 -17.65 26.64 -23.30
C LEU E 197 -18.94 26.37 -22.55
N PHE E 198 -18.92 26.34 -21.21
CA PHE E 198 -20.16 26.14 -20.45
C PHE E 198 -21.14 27.30 -20.69
N ARG E 199 -20.61 28.52 -20.85
CA ARG E 199 -21.43 29.68 -21.14
C ARG E 199 -22.04 29.64 -22.55
N VAL E 200 -21.28 29.08 -23.53
CA VAL E 200 -21.77 28.85 -24.90
C VAL E 200 -22.96 27.84 -24.83
N LEU E 201 -22.89 26.85 -23.92
CA LEU E 201 -23.94 25.86 -23.69
C LEU E 201 -25.14 26.42 -22.93
N GLY E 202 -25.02 27.64 -22.42
CA GLY E 202 -26.13 28.29 -21.71
C GLY E 202 -26.18 27.94 -20.25
N ALA E 203 -25.08 27.36 -19.72
CA ALA E 203 -24.92 27.03 -18.31
C ALA E 203 -24.61 28.28 -17.52
N ILE E 204 -24.97 28.29 -16.24
CA ILE E 204 -24.70 29.37 -15.29
C ILE E 204 -23.45 28.95 -14.52
N VAL E 205 -22.40 29.77 -14.58
CA VAL E 205 -21.12 29.45 -13.91
C VAL E 205 -20.97 30.31 -12.61
N LYS E 206 -20.95 29.67 -11.40
CA LYS E 206 -20.86 30.38 -10.10
C LYS E 206 -19.99 29.62 -9.07
N GLY E 207 -19.73 30.24 -7.90
CA GLY E 207 -18.95 29.63 -6.82
C GLY E 207 -19.74 28.57 -6.08
N ALA E 208 -19.05 27.55 -5.55
CA ALA E 208 -19.70 26.47 -4.80
C ALA E 208 -20.33 27.00 -3.52
N THR E 209 -21.49 26.46 -3.12
CA THR E 209 -22.09 26.79 -1.82
C THR E 209 -21.32 25.96 -0.78
N VAL E 210 -21.48 26.25 0.52
CA VAL E 210 -20.79 25.50 1.60
C VAL E 210 -21.09 24.00 1.52
N ALA E 211 -22.38 23.63 1.33
CA ALA E 211 -22.86 22.25 1.21
C ALA E 211 -22.21 21.56 0.00
N GLN E 212 -22.11 22.27 -1.14
CA GLN E 212 -21.47 21.75 -2.35
C GLN E 212 -19.97 21.50 -2.10
N ALA E 213 -19.29 22.44 -1.40
CA ALA E 213 -17.86 22.29 -1.05
C ALA E 213 -17.64 21.01 -0.22
N GLU E 214 -18.54 20.74 0.77
CA GLU E 214 -18.52 19.56 1.64
C GLU E 214 -18.66 18.29 0.81
N ALA E 215 -19.59 18.30 -0.17
CA ALA E 215 -19.84 17.17 -1.08
C ALA E 215 -18.67 16.90 -2.02
N PHE E 216 -18.03 17.96 -2.53
CA PHE E 216 -16.91 17.81 -3.47
C PHE E 216 -15.55 17.61 -2.79
N GLY E 217 -15.49 17.84 -1.48
CA GLY E 217 -14.28 17.71 -0.69
C GLY E 217 -13.25 18.79 -0.96
N ILE E 218 -13.69 20.05 -1.03
CA ILE E 218 -12.85 21.22 -1.28
C ILE E 218 -12.91 22.17 -0.07
N PRO E 219 -11.81 22.90 0.29
CA PRO E 219 -11.87 23.75 1.50
C PRO E 219 -13.04 24.71 1.54
N LYS E 220 -13.76 24.73 2.70
CA LYS E 220 -14.93 25.56 2.99
C LYS E 220 -14.66 27.06 2.75
N SER E 221 -13.43 27.52 3.08
CA SER E 221 -12.99 28.90 2.94
C SER E 221 -12.81 29.31 1.48
N THR E 222 -12.42 28.36 0.62
CA THR E 222 -12.19 28.58 -0.82
C THR E 222 -13.44 28.32 -1.68
N ALA E 223 -14.56 27.94 -1.05
CA ALA E 223 -15.80 27.56 -1.73
C ALA E 223 -16.29 28.54 -2.81
N ALA E 224 -16.39 29.85 -2.47
CA ALA E 224 -16.86 30.90 -3.39
C ALA E 224 -15.96 31.09 -4.61
N SER E 225 -14.67 30.77 -4.51
CA SER E 225 -13.72 30.87 -5.63
C SER E 225 -13.68 29.58 -6.45
N TYR E 226 -14.38 28.55 -5.97
CA TYR E 226 -14.43 27.26 -6.64
C TYR E 226 -15.62 27.23 -7.61
N LYS E 227 -15.31 27.36 -8.92
CA LYS E 227 -16.29 27.47 -9.99
C LYS E 227 -17.02 26.20 -10.31
N ILE E 228 -18.32 26.34 -10.36
CA ILE E 228 -19.29 25.29 -10.61
C ILE E 228 -20.19 25.72 -11.79
N ALA E 229 -20.47 24.80 -12.69
CA ALA E 229 -21.40 25.03 -13.78
C ALA E 229 -22.71 24.32 -13.48
N THR E 230 -23.84 25.06 -13.61
CA THR E 230 -25.20 24.54 -13.38
C THR E 230 -26.15 24.96 -14.51
N MSE E 231 -27.36 24.41 -14.54
CA MSE E 231 -28.38 24.75 -15.52
C MSE E 231 -29.65 25.20 -14.84
O MSE E 231 -29.91 24.85 -13.68
CB MSE E 231 -28.71 23.52 -16.40
CG MSE E 231 -27.52 22.89 -17.05
SE MSE E 231 -27.04 23.96 -18.55
CE MSE E 231 -27.99 22.93 -19.88
N LYS E 232 -30.48 25.93 -15.57
CA LYS E 232 -31.76 26.38 -15.06
C LYS E 232 -32.81 26.43 -16.16
N VAL E 233 -34.04 26.09 -15.82
CA VAL E 233 -35.18 26.22 -16.72
C VAL E 233 -36.03 27.43 -16.21
N PRO E 234 -36.62 28.28 -17.08
CA PRO E 234 -36.59 28.22 -18.56
C PRO E 234 -35.21 28.50 -19.11
N PHE E 235 -34.84 27.72 -20.13
CA PHE E 235 -33.55 27.84 -20.78
C PHE E 235 -33.49 29.14 -21.55
N LYS E 236 -32.29 29.70 -21.70
CA LYS E 236 -32.12 30.96 -22.41
C LYS E 236 -32.52 30.81 -23.88
N LEU E 237 -33.14 31.85 -24.43
CA LEU E 237 -33.58 31.84 -25.81
C LEU E 237 -32.50 32.41 -26.74
O4 PE4 F . -12.65 34.78 -11.87
C7 PE4 F . -12.63 34.78 -13.31
C8 PE4 F . -14.01 35.25 -13.77
O5 PE4 F . -14.71 34.02 -13.61
C9 PE4 F . -15.97 33.95 -14.38
C10 PE4 F . -16.60 32.63 -14.04
O6 PE4 F . -17.10 32.54 -12.63
C11 PE4 F . -18.30 33.09 -12.20
C12 PE4 F . -18.24 32.84 -10.64
O7 PE4 F . -16.99 32.58 -9.90
C13 PE4 F . -16.97 32.77 -8.46
C14 PE4 F . -15.45 32.64 -8.23
#